data_6Z48
#
_entry.id   6Z48
#
_cell.length_a   56.251
_cell.length_b   100.573
_cell.length_c   108.897
_cell.angle_alpha   90.000
_cell.angle_beta   90.110
_cell.angle_gamma   90.000
#
_symmetry.space_group_name_H-M   'P 1 21 1'
#
loop_
_entity.id
_entity.type
_entity.pdbx_description
1 polymer 'Thrombin light chain'
2 polymer 'Thrombin heavy chain'
3 non-polymer 'SODIUM ION'
4 non-polymer 5-chloranyl-N-[[(4S,15R)-2,5,13,16-tetrakis(oxidanylidene)-15-propan-2-yl-9,10-dithia-3,6,14,17-tetrazabicyclo[17.3.1]tricosa-1(22),19(23),20-trien-4-yl]methyl]thiophene-2-carboxamide
5 water water
#
loop_
_entity_poly.entity_id
_entity_poly.type
_entity_poly.pdbx_seq_one_letter_code
_entity_poly.pdbx_strand_id
1 'polypeptide(L)' TFGSGEADCGLRPLFEKKSLEDKTERELLESYIDGR L,A,C,E
2 'polypeptide(L)'
;IVEGSDAEIGMSPWQVMLFRKSPQELLCGASLISDRWVLTAAHCLLYPPWDKNFTENDLLVRIGKHSRTRYERNIEKISM
LEKIYIHPRYNWRENLDRDIALMKLKKPVAFSDYIHPVCLPDRETAASLLQAGYKGRVTGWGNLKETWTANVGKGQPSVL
QVVNLPIVERPVCKDSTRIRITDNMFCAGYKPDEGKRGDACEGDSGGPFVMKSPFNNRWYQMGIVSWGEGCDRDGKYGFY
THVFRLKKWIQKVIDQFGE
;
H,B,D,F
#
# COMPACT_ATOMS: atom_id res chain seq x y z
N GLU A 6 -32.27 2.99 -18.96
CA GLU A 6 -32.86 2.61 -20.29
C GLU A 6 -33.39 1.18 -20.23
N ALA A 7 -33.56 0.59 -21.43
CA ALA A 7 -34.37 -0.60 -21.69
C ALA A 7 -33.71 -1.84 -21.11
N ASP A 8 -32.46 -1.69 -20.66
CA ASP A 8 -31.63 -2.84 -20.37
C ASP A 8 -31.58 -3.08 -18.86
N CYS A 9 -31.98 -2.06 -18.09
CA CYS A 9 -31.83 -2.04 -16.63
C CYS A 9 -32.21 -3.38 -16.01
N GLY A 10 -31.44 -3.80 -15.01
CA GLY A 10 -31.92 -4.80 -14.08
C GLY A 10 -31.49 -6.22 -14.40
N LEU A 11 -30.93 -6.42 -15.60
CA LEU A 11 -30.49 -7.76 -15.98
C LEU A 11 -28.96 -7.77 -16.05
N ARG A 12 -28.39 -8.74 -15.35
CA ARG A 12 -26.97 -8.71 -15.04
C ARG A 12 -26.19 -9.45 -16.12
N PRO A 13 -25.26 -8.76 -16.82
CA PRO A 13 -24.49 -9.36 -17.90
C PRO A 13 -23.90 -10.74 -17.58
N LEU A 14 -23.56 -11.01 -16.31
CA LEU A 14 -22.94 -12.27 -15.91
C LEU A 14 -23.95 -13.20 -15.25
N PHE A 15 -25.18 -12.72 -15.14
CA PHE A 15 -26.20 -13.54 -14.49
C PHE A 15 -27.38 -13.71 -15.44
N GLU A 16 -28.29 -12.74 -15.48
CA GLU A 16 -29.53 -12.95 -16.23
C GLU A 16 -29.23 -13.22 -17.71
N LYS A 17 -28.41 -12.34 -18.32
N LYS A 17 -28.40 -12.36 -18.31
CA LYS A 17 -28.10 -12.36 -19.73
CA LYS A 17 -28.15 -12.39 -19.75
C LYS A 17 -27.38 -13.65 -20.13
C LYS A 17 -27.37 -13.65 -20.14
N LYS A 18 -26.70 -14.29 -19.18
CA LYS A 18 -26.02 -15.54 -19.43
C LYS A 18 -26.77 -16.69 -18.76
N SER A 19 -28.05 -16.45 -18.46
CA SER A 19 -28.92 -17.36 -17.72
C SER A 19 -28.19 -18.08 -16.60
N LEU A 20 -27.53 -17.31 -15.71
CA LEU A 20 -26.99 -17.87 -14.47
C LEU A 20 -27.66 -17.21 -13.26
N GLU A 21 -27.64 -17.95 -12.15
CA GLU A 21 -28.23 -17.53 -10.91
C GLU A 21 -27.11 -17.42 -9.87
N ASP A 22 -27.19 -16.38 -9.05
CA ASP A 22 -26.20 -16.17 -7.96
C ASP A 22 -26.55 -17.09 -6.80
N LYS A 23 -25.65 -17.21 -5.86
CA LYS A 23 -25.81 -18.20 -4.77
C LYS A 23 -27.03 -17.97 -3.87
N THR A 24 -27.39 -16.73 -3.56
CA THR A 24 -28.46 -16.54 -2.56
C THR A 24 -29.71 -15.88 -3.13
N GLU A 25 -29.85 -15.82 -4.44
CA GLU A 25 -31.06 -15.18 -5.01
C GLU A 25 -32.29 -16.09 -4.91
N ARG A 26 -32.14 -17.39 -4.63
CA ARG A 26 -33.36 -18.21 -4.48
C ARG A 26 -34.09 -17.72 -3.23
N GLU A 27 -33.36 -17.53 -2.13
CA GLU A 27 -33.80 -17.04 -0.80
C GLU A 27 -34.88 -15.94 -0.90
N LEU A 28 -34.61 -15.00 -1.76
CA LEU A 28 -35.46 -13.86 -2.22
C LEU A 28 -36.76 -14.41 -2.81
N LEU A 29 -36.67 -15.12 -3.94
CA LEU A 29 -37.88 -15.69 -4.59
C LEU A 29 -38.68 -16.55 -3.61
N GLU A 30 -38.04 -17.40 -2.82
CA GLU A 30 -38.80 -18.22 -1.85
C GLU A 30 -39.46 -17.34 -0.79
N SER A 31 -39.15 -16.06 -0.69
CA SER A 31 -39.82 -15.31 0.38
C SER A 31 -41.14 -14.73 -0.12
N TYR A 32 -41.35 -14.67 -1.45
CA TYR A 32 -42.57 -14.08 -1.99
C TYR A 32 -43.74 -15.03 -1.78
N ILE A 33 -43.47 -16.24 -1.64
CA ILE A 33 -44.35 -17.30 -1.19
C ILE A 33 -44.29 -17.40 0.33
N ILE B 1 -21.50 -4.34 6.08
CA ILE B 1 -22.54 -5.45 6.07
C ILE B 1 -22.27 -6.42 7.22
N VAL B 2 -23.25 -6.64 8.10
CA VAL B 2 -23.07 -7.62 9.15
C VAL B 2 -23.76 -8.94 8.75
N GLU B 3 -23.09 -10.06 9.09
CA GLU B 3 -23.53 -11.42 8.84
C GLU B 3 -24.01 -11.59 7.41
N GLY B 4 -23.19 -11.17 6.46
CA GLY B 4 -23.43 -11.48 5.06
C GLY B 4 -22.28 -12.35 4.58
N SER B 5 -22.09 -12.40 3.26
CA SER B 5 -21.00 -13.16 2.70
C SER B 5 -20.47 -12.32 1.55
N ASP B 6 -19.38 -12.80 0.94
CA ASP B 6 -18.74 -12.14 -0.20
C ASP B 6 -19.71 -12.14 -1.37
N ALA B 7 -19.76 -11.01 -2.05
CA ALA B 7 -20.52 -10.95 -3.30
C ALA B 7 -19.75 -11.65 -4.41
N GLU B 8 -20.50 -12.17 -5.41
CA GLU B 8 -19.98 -12.77 -6.62
C GLU B 8 -19.59 -11.67 -7.61
N ILE B 9 -18.63 -12.00 -8.48
CA ILE B 9 -18.20 -11.07 -9.51
C ILE B 9 -19.42 -10.66 -10.33
N GLY B 10 -19.60 -9.33 -10.43
CA GLY B 10 -20.69 -8.74 -11.21
C GLY B 10 -22.05 -9.19 -10.69
N MET B 11 -22.10 -9.62 -9.41
CA MET B 11 -23.35 -9.98 -8.79
C MET B 11 -24.20 -8.73 -8.55
N SER B 12 -23.55 -7.55 -8.53
CA SER B 12 -24.19 -6.28 -8.24
C SER B 12 -23.53 -5.17 -9.08
N PRO B 13 -23.72 -5.19 -10.42
CA PRO B 13 -22.99 -4.29 -11.32
C PRO B 13 -23.45 -2.85 -11.32
N TRP B 14 -24.48 -2.56 -10.52
CA TRP B 14 -24.96 -1.20 -10.36
C TRP B 14 -24.32 -0.58 -9.10
N GLN B 15 -23.63 -1.40 -8.32
CA GLN B 15 -22.91 -0.96 -7.13
C GLN B 15 -21.91 0.14 -7.47
N VAL B 16 -21.96 1.24 -6.72
CA VAL B 16 -21.04 2.33 -6.92
C VAL B 16 -20.37 2.59 -5.59
N MET B 17 -19.08 2.94 -5.64
CA MET B 17 -18.41 3.32 -4.41
C MET B 17 -18.16 4.82 -4.44
N LEU B 18 -18.65 5.57 -3.46
CA LEU B 18 -18.27 6.98 -3.38
C LEU B 18 -16.92 7.05 -2.67
N PHE B 19 -15.92 7.72 -3.26
CA PHE B 19 -14.60 7.72 -2.68
C PHE B 19 -14.13 9.15 -2.48
N ARG B 20 -13.75 9.50 -1.24
N ARG B 20 -13.77 9.51 -1.24
CA ARG B 20 -13.19 10.81 -0.91
CA ARG B 20 -13.24 10.84 -0.96
C ARG B 20 -11.80 10.89 -1.54
C ARG B 20 -11.83 10.90 -1.52
N LYS B 21 -11.45 12.07 -2.06
CA LYS B 21 -10.16 12.25 -2.71
C LYS B 21 -9.04 12.46 -1.68
N SER B 22 -9.35 13.18 -0.61
CA SER B 22 -8.38 13.41 0.46
C SER B 22 -9.09 13.48 1.80
N PRO B 23 -8.87 12.55 2.76
CA PRO B 23 -8.05 11.35 2.55
C PRO B 23 -8.65 10.35 1.57
N GLN B 24 -7.82 9.41 1.10
CA GLN B 24 -8.20 8.46 0.08
C GLN B 24 -8.91 7.30 0.78
N GLU B 25 -10.25 7.43 0.85
CA GLU B 25 -11.07 6.76 1.84
C GLU B 25 -12.46 6.52 1.24
N LEU B 26 -13.03 5.33 1.49
CA LEU B 26 -14.41 5.07 1.14
C LEU B 26 -15.31 6.04 1.89
N LEU B 27 -16.32 6.59 1.19
CA LEU B 27 -17.27 7.54 1.79
C LEU B 27 -18.61 6.85 2.01
N CYS B 28 -19.12 6.20 0.97
CA CYS B 28 -20.46 5.66 1.04
C CYS B 28 -20.69 4.74 -0.14
N GLY B 29 -21.78 3.97 -0.07
CA GLY B 29 -22.39 3.32 -1.20
C GLY B 29 -23.16 4.27 -2.10
N ALA B 30 -23.50 3.76 -3.29
CA ALA B 30 -24.29 4.43 -4.29
C ALA B 30 -24.72 3.39 -5.34
N SER B 31 -25.58 3.78 -6.27
CA SER B 31 -25.95 2.91 -7.35
C SER B 31 -26.01 3.69 -8.66
N LEU B 32 -25.74 2.98 -9.76
CA LEU B 32 -25.89 3.47 -11.13
C LEU B 32 -27.31 3.20 -11.65
N ILE B 33 -28.01 4.25 -12.11
CA ILE B 33 -29.40 4.08 -12.52
C ILE B 33 -29.57 4.44 -14.00
N SER B 34 -28.50 4.97 -14.60
CA SER B 34 -28.51 5.37 -16.03
C SER B 34 -27.08 5.39 -16.58
N ASP B 35 -26.72 6.05 -17.67
CA ASP B 35 -25.28 6.03 -18.04
C ASP B 35 -24.60 7.25 -17.41
N ARG B 36 -25.38 8.17 -16.84
CA ARG B 36 -24.81 9.42 -16.29
C ARG B 36 -25.41 9.77 -14.93
N TRP B 37 -26.23 8.90 -14.37
CA TRP B 37 -26.89 9.26 -13.09
C TRP B 37 -26.58 8.22 -12.01
N VAL B 38 -26.07 8.72 -10.89
CA VAL B 38 -25.75 7.90 -9.69
C VAL B 38 -26.64 8.35 -8.53
N LEU B 39 -27.18 7.38 -7.82
CA LEU B 39 -28.09 7.63 -6.73
C LEU B 39 -27.45 7.21 -5.39
N THR B 40 -27.60 8.10 -4.38
CA THR B 40 -27.04 7.97 -3.05
C THR B 40 -27.94 8.58 -1.95
N ALA B 41 -27.55 8.38 -0.68
CA ALA B 41 -28.15 9.08 0.46
C ALA B 41 -27.63 10.51 0.50
N ALA B 42 -28.52 11.47 0.71
CA ALA B 42 -28.08 12.84 0.92
C ALA B 42 -27.04 12.96 2.07
N HIS B 43 -27.24 12.24 3.20
CA HIS B 43 -26.32 12.40 4.32
C HIS B 43 -24.88 12.00 3.97
N CYS B 44 -24.67 11.39 2.81
CA CYS B 44 -23.30 11.07 2.43
C CYS B 44 -22.60 12.30 1.91
N LEU B 45 -23.34 13.30 1.47
CA LEU B 45 -22.68 14.43 0.83
C LEU B 45 -22.92 15.69 1.66
N LEU B 46 -23.99 15.72 2.45
CA LEU B 46 -24.37 16.89 3.22
C LEU B 46 -24.86 16.45 4.60
N TYR B 47 -24.07 16.80 5.62
CA TYR B 47 -24.50 16.66 7.01
C TYR B 47 -23.75 17.72 7.82
N PRO B 48 -24.26 18.97 7.87
CA PRO B 48 -23.55 20.06 8.56
C PRO B 48 -23.16 19.72 10.00
N PRO B 49 -23.98 18.98 10.80
CA PRO B 49 -23.58 18.60 12.14
C PRO B 49 -22.21 17.93 12.26
N TRP B 50 -21.78 17.15 11.26
CA TRP B 50 -20.43 16.60 11.26
C TRP B 50 -19.49 17.36 10.33
N ASP B 51 -19.78 18.65 10.06
CA ASP B 51 -18.97 19.40 9.12
C ASP B 51 -18.80 18.68 7.77
N LYS B 52 -19.87 18.03 7.29
CA LYS B 52 -19.82 17.36 6.00
C LYS B 52 -20.59 18.20 4.98
N ASN B 53 -19.87 18.66 3.94
CA ASN B 53 -20.41 19.42 2.83
C ASN B 53 -19.53 19.19 1.61
N PHE B 54 -19.60 17.99 1.02
CA PHE B 54 -18.78 17.64 -0.14
C PHE B 54 -19.23 18.40 -1.39
N THR B 55 -18.29 18.84 -2.22
CA THR B 55 -18.77 19.39 -3.47
C THR B 55 -18.25 18.51 -4.58
N GLU B 56 -18.53 18.92 -5.83
CA GLU B 56 -18.29 18.12 -7.01
C GLU B 56 -16.86 17.58 -7.00
N ASN B 57 -15.90 18.44 -6.64
CA ASN B 57 -14.49 18.10 -6.86
C ASN B 57 -13.91 17.19 -5.78
N ASP B 58 -14.61 16.99 -4.65
CA ASP B 58 -13.97 16.36 -3.49
C ASP B 58 -14.03 14.82 -3.60
N LEU B 59 -14.86 14.28 -4.51
CA LEU B 59 -15.06 12.83 -4.56
C LEU B 59 -14.96 12.35 -5.99
N LEU B 60 -14.90 11.02 -6.11
CA LEU B 60 -15.11 10.39 -7.38
C LEU B 60 -16.02 9.21 -7.13
N VAL B 61 -16.59 8.67 -8.21
CA VAL B 61 -17.49 7.54 -8.17
C VAL B 61 -16.80 6.42 -8.92
N ARG B 62 -16.62 5.30 -8.23
CA ARG B 62 -15.92 4.14 -8.77
C ARG B 62 -16.94 3.03 -9.05
N ILE B 63 -17.07 2.66 -10.33
CA ILE B 63 -18.07 1.71 -10.76
C ILE B 63 -17.38 0.40 -11.13
N GLY B 64 -18.08 -0.72 -10.89
CA GLY B 64 -17.64 -2.02 -11.36
C GLY B 64 -16.64 -2.69 -10.43
N LYS B 65 -16.59 -2.20 -9.19
CA LYS B 65 -15.61 -2.66 -8.21
C LYS B 65 -16.03 -3.97 -7.57
N HIS B 66 -15.01 -4.67 -7.06
CA HIS B 66 -15.28 -5.85 -6.26
C HIS B 66 -14.49 -5.75 -4.95
N SER B 67 -13.16 -5.60 -5.08
CA SER B 67 -12.28 -5.40 -3.95
C SER B 67 -12.59 -4.05 -3.32
N ARG B 68 -12.44 -3.98 -1.99
CA ARG B 68 -12.66 -2.74 -1.26
C ARG B 68 -11.54 -1.75 -1.52
N THR B 69 -10.30 -2.28 -1.69
CA THR B 69 -9.09 -1.47 -1.65
C THR B 69 -8.35 -1.41 -2.98
N ARG B 70 -8.20 -2.54 -3.66
CA ARG B 70 -7.37 -2.61 -4.89
C ARG B 70 -7.97 -1.77 -6.03
N TYR B 71 -7.16 -0.98 -6.74
CA TYR B 71 -7.64 -0.37 -7.99
C TYR B 71 -7.67 -1.56 -8.95
N GLU B 72 -8.78 -1.77 -9.63
CA GLU B 72 -9.01 -2.98 -10.42
C GLU B 72 -9.01 -2.60 -11.90
N ARG B 73 -7.83 -2.72 -12.56
CA ARG B 73 -7.60 -2.20 -13.90
C ARG B 73 -8.52 -2.93 -14.88
N ASN B 74 -9.09 -2.17 -15.83
CA ASN B 74 -9.85 -2.73 -16.94
C ASN B 74 -11.13 -3.42 -16.46
N ILE B 75 -11.59 -3.03 -15.27
CA ILE B 75 -12.75 -3.65 -14.65
C ILE B 75 -13.55 -2.53 -14.00
N GLU B 76 -12.88 -1.71 -13.21
CA GLU B 76 -13.54 -0.59 -12.59
C GLU B 76 -13.42 0.64 -13.48
N LYS B 77 -14.37 1.57 -13.34
CA LYS B 77 -14.28 2.84 -14.03
C LYS B 77 -14.50 3.92 -13.00
N ILE B 78 -13.66 4.95 -13.07
CA ILE B 78 -13.81 6.05 -12.14
C ILE B 78 -14.34 7.22 -12.97
N SER B 79 -15.44 7.84 -12.53
CA SER B 79 -15.87 9.08 -13.18
C SER B 79 -15.87 10.25 -12.22
N MET B 80 -15.84 11.44 -12.82
N MET B 80 -15.74 11.44 -12.82
CA MET B 80 -15.80 12.70 -12.11
CA MET B 80 -15.76 12.72 -12.09
C MET B 80 -17.23 13.19 -12.10
C MET B 80 -17.21 13.21 -12.09
N LEU B 81 -17.58 13.99 -11.09
CA LEU B 81 -18.93 14.47 -10.91
C LEU B 81 -19.07 15.81 -11.62
N GLU B 82 -20.22 16.03 -12.26
CA GLU B 82 -20.55 17.31 -12.84
C GLU B 82 -21.36 18.13 -11.82
N LYS B 83 -22.44 17.52 -11.32
CA LYS B 83 -23.32 18.24 -10.41
C LYS B 83 -23.94 17.27 -9.39
N ILE B 84 -24.03 17.75 -8.13
CA ILE B 84 -24.80 17.11 -7.06
C ILE B 84 -26.14 17.80 -6.97
N TYR B 85 -27.19 17.00 -6.74
CA TYR B 85 -28.54 17.47 -6.44
C TYR B 85 -28.99 16.82 -5.14
N ILE B 86 -29.19 17.64 -4.10
CA ILE B 86 -29.69 17.11 -2.85
C ILE B 86 -31.18 17.44 -2.83
N HIS B 87 -32.01 16.47 -2.48
CA HIS B 87 -33.42 16.77 -2.28
C HIS B 87 -33.57 18.05 -1.46
N PRO B 88 -34.35 19.03 -1.95
CA PRO B 88 -34.46 20.34 -1.27
C PRO B 88 -35.15 20.29 0.10
N ARG B 89 -35.97 19.26 0.34
CA ARG B 89 -36.67 19.07 1.62
C ARG B 89 -36.06 17.93 2.44
N TYR B 90 -34.76 17.65 2.23
CA TYR B 90 -34.04 16.66 3.00
C TYR B 90 -33.81 17.23 4.40
N ASN B 91 -34.06 16.40 5.40
CA ASN B 91 -34.13 16.90 6.76
C ASN B 91 -32.97 16.31 7.58
N TRP B 92 -31.86 17.05 7.62
CA TRP B 92 -30.68 16.60 8.34
C TRP B 92 -30.77 17.02 9.81
N ARG B 93 -31.64 18.01 10.10
CA ARG B 93 -31.80 18.56 11.45
C ARG B 93 -32.50 17.56 12.37
N GLU B 94 -33.31 16.67 11.79
CA GLU B 94 -34.16 15.85 12.62
C GLU B 94 -33.89 14.39 12.31
N ASN B 95 -34.49 13.85 11.25
CA ASN B 95 -34.57 12.39 11.18
C ASN B 95 -34.08 11.87 9.83
N LEU B 96 -33.27 12.64 9.11
CA LEU B 96 -32.81 12.25 7.77
C LEU B 96 -34.00 11.92 6.85
N ASP B 97 -35.09 12.68 6.96
CA ASP B 97 -36.25 12.53 6.08
C ASP B 97 -35.78 12.94 4.69
N ARG B 98 -36.13 12.08 3.72
CA ARG B 98 -35.85 12.33 2.31
C ARG B 98 -34.33 12.24 2.14
N ASP B 99 -33.78 11.14 2.67
CA ASP B 99 -32.34 10.95 2.59
C ASP B 99 -32.00 10.47 1.19
N ILE B 100 -31.82 11.39 0.27
CA ILE B 100 -31.64 11.00 -1.12
C ILE B 100 -30.95 12.14 -1.85
N ALA B 101 -30.01 11.76 -2.73
CA ALA B 101 -29.36 12.72 -3.61
C ALA B 101 -29.03 11.99 -4.90
N LEU B 102 -28.84 12.78 -5.96
CA LEU B 102 -28.50 12.29 -7.29
C LEU B 102 -27.19 12.96 -7.67
N MET B 103 -26.34 12.18 -8.36
CA MET B 103 -25.09 12.72 -8.86
C MET B 103 -25.02 12.47 -10.34
N LYS B 104 -24.55 13.48 -11.09
CA LYS B 104 -24.52 13.41 -12.55
C LYS B 104 -23.07 13.40 -13.01
N LEU B 105 -22.66 12.35 -13.73
CA LEU B 105 -21.26 12.25 -14.11
C LEU B 105 -20.93 13.28 -15.18
N LYS B 106 -19.66 13.65 -15.26
CA LYS B 106 -19.17 14.55 -16.29
C LYS B 106 -19.46 13.95 -17.66
N LYS B 107 -18.92 12.74 -17.89
CA LYS B 107 -19.13 12.04 -19.15
C LYS B 107 -19.83 10.70 -18.90
N PRO B 108 -20.61 10.19 -19.90
CA PRO B 108 -21.27 8.90 -19.79
C PRO B 108 -20.29 7.76 -19.57
N VAL B 109 -20.72 6.72 -18.85
CA VAL B 109 -19.84 5.61 -18.56
C VAL B 109 -20.24 4.40 -19.41
N ALA B 110 -19.23 3.61 -19.78
CA ALA B 110 -19.40 2.48 -20.66
C ALA B 110 -19.92 1.29 -19.85
N PHE B 111 -21.07 0.74 -20.26
CA PHE B 111 -21.59 -0.47 -19.65
C PHE B 111 -20.70 -1.62 -20.09
N SER B 112 -20.57 -2.64 -19.24
CA SER B 112 -19.72 -3.79 -19.49
C SER B 112 -20.24 -4.94 -18.61
N ASP B 113 -19.47 -6.01 -18.48
CA ASP B 113 -19.94 -7.13 -17.68
C ASP B 113 -20.03 -6.76 -16.20
N TYR B 114 -19.35 -5.66 -15.85
CA TYR B 114 -19.17 -5.38 -14.44
C TYR B 114 -19.93 -4.12 -14.07
N ILE B 115 -20.45 -3.43 -15.10
CA ILE B 115 -21.08 -2.14 -14.97
C ILE B 115 -22.38 -2.13 -15.77
N HIS B 116 -23.51 -1.93 -15.06
CA HIS B 116 -24.84 -2.04 -15.63
C HIS B 116 -25.86 -1.46 -14.66
N PRO B 117 -26.85 -0.67 -15.12
CA PRO B 117 -27.81 -0.04 -14.21
C PRO B 117 -28.87 -0.99 -13.67
N VAL B 118 -29.29 -0.66 -12.44
CA VAL B 118 -30.44 -1.26 -11.79
C VAL B 118 -31.70 -0.48 -12.23
N CYS B 119 -32.89 -1.10 -12.11
CA CYS B 119 -34.11 -0.39 -12.47
C CYS B 119 -34.73 0.31 -11.23
N LEU B 120 -35.34 1.46 -11.47
CA LEU B 120 -36.21 2.08 -10.48
C LEU B 120 -37.64 1.49 -10.55
N PRO B 121 -38.37 1.35 -9.41
CA PRO B 121 -39.70 0.76 -9.46
C PRO B 121 -40.71 1.76 -10.05
N ASP B 122 -41.72 1.22 -10.74
CA ASP B 122 -42.96 1.90 -11.10
C ASP B 122 -43.97 1.59 -9.98
N ARG B 123 -45.16 2.21 -10.05
CA ARG B 123 -46.25 1.99 -9.11
C ARG B 123 -46.42 0.50 -8.80
N GLU B 124 -46.61 -0.33 -9.84
CA GLU B 124 -47.08 -1.71 -9.69
C GLU B 124 -46.02 -2.59 -9.04
N THR B 125 -44.77 -2.44 -9.48
CA THR B 125 -43.64 -3.18 -8.93
C THR B 125 -43.53 -2.88 -7.43
N ALA B 126 -43.52 -1.58 -7.10
CA ALA B 126 -43.59 -1.14 -5.72
C ALA B 126 -44.76 -1.83 -5.01
N ALA B 127 -45.94 -1.84 -5.65
CA ALA B 127 -47.15 -2.24 -4.97
C ALA B 127 -47.08 -3.74 -4.75
N SER B 128 -46.48 -4.43 -5.71
CA SER B 128 -46.28 -5.86 -5.62
C SER B 128 -45.19 -6.27 -4.62
N LEU B 129 -44.03 -5.58 -4.64
CA LEU B 129 -42.84 -6.08 -3.94
C LEU B 129 -42.69 -5.56 -2.50
N LEU B 130 -43.15 -4.33 -2.22
CA LEU B 130 -42.93 -3.73 -0.91
C LEU B 130 -43.92 -4.29 0.12
N GLN B 131 -43.59 -5.46 0.69
CA GLN B 131 -44.51 -6.08 1.63
C GLN B 131 -43.76 -6.88 2.71
N ALA B 132 -44.19 -6.72 3.97
CA ALA B 132 -43.54 -7.33 5.12
C ALA B 132 -43.32 -8.81 4.82
N GLY B 133 -42.14 -9.31 5.17
CA GLY B 133 -41.87 -10.72 5.03
C GLY B 133 -41.12 -11.01 3.73
N TYR B 134 -41.37 -10.19 2.69
CA TYR B 134 -40.60 -10.24 1.46
C TYR B 134 -39.18 -9.71 1.68
N LYS B 135 -38.18 -10.36 1.07
CA LYS B 135 -36.78 -10.06 1.30
C LYS B 135 -36.20 -9.27 0.14
N GLY B 136 -35.41 -8.25 0.47
CA GLY B 136 -34.56 -7.56 -0.48
C GLY B 136 -33.09 -7.84 -0.17
N ARG B 137 -32.20 -7.26 -0.98
CA ARG B 137 -30.78 -7.51 -0.82
C ARG B 137 -30.06 -6.18 -0.65
N VAL B 138 -29.06 -6.17 0.25
CA VAL B 138 -28.27 -5.00 0.50
C VAL B 138 -26.81 -5.34 0.20
N THR B 139 -26.07 -4.40 -0.42
CA THR B 139 -24.66 -4.62 -0.69
C THR B 139 -23.84 -3.40 -0.24
N GLY B 140 -22.59 -3.66 0.17
CA GLY B 140 -21.64 -2.59 0.37
C GLY B 140 -20.32 -3.10 0.94
N TRP B 141 -19.40 -2.15 1.12
CA TRP B 141 -18.06 -2.41 1.64
C TRP B 141 -17.94 -1.85 3.04
N GLY B 142 -19.05 -1.60 3.72
CA GLY B 142 -18.94 -1.12 5.09
C GLY B 142 -18.56 -2.22 6.07
N ASN B 143 -18.56 -1.88 7.36
CA ASN B 143 -17.98 -2.67 8.45
C ASN B 143 -18.76 -3.98 8.67
N LEU B 144 -18.04 -4.99 9.15
CA LEU B 144 -18.56 -6.33 9.31
C LEU B 144 -19.26 -6.44 10.65
N LYS B 145 -19.01 -5.50 11.56
CA LYS B 145 -19.69 -5.46 12.85
C LYS B 145 -19.73 -4.03 13.32
N GLU B 146 -20.64 -3.74 14.25
CA GLU B 146 -20.74 -2.41 14.84
C GLU B 146 -19.46 -2.01 15.59
N THR B 147 -18.96 -2.92 16.42
CA THR B 147 -17.88 -2.56 17.34
C THR B 147 -16.63 -3.37 16.95
N GLY B 153 -12.38 -12.23 13.96
CA GLY B 153 -11.60 -10.97 13.89
C GLY B 153 -12.06 -10.08 12.74
N LYS B 154 -13.32 -10.26 12.30
CA LYS B 154 -13.96 -9.47 11.25
C LYS B 154 -13.99 -7.99 11.66
N GLY B 155 -13.55 -7.11 10.74
CA GLY B 155 -13.70 -5.63 10.88
C GLY B 155 -14.20 -5.17 9.51
N GLN B 156 -13.26 -4.90 8.60
CA GLN B 156 -13.55 -4.44 7.25
C GLN B 156 -13.30 -5.57 6.19
N PRO B 157 -14.22 -5.73 5.22
CA PRO B 157 -14.12 -6.85 4.28
C PRO B 157 -13.16 -6.56 3.13
N SER B 158 -12.61 -7.62 2.54
CA SER B 158 -11.74 -7.51 1.36
C SER B 158 -12.52 -7.15 0.11
N VAL B 159 -13.75 -7.68 -0.02
CA VAL B 159 -14.57 -7.53 -1.20
C VAL B 159 -16.01 -7.26 -0.81
N LEU B 160 -16.79 -6.81 -1.81
CA LEU B 160 -18.19 -6.47 -1.67
C LEU B 160 -18.91 -7.56 -0.88
N GLN B 161 -19.62 -7.15 0.19
CA GLN B 161 -20.46 -8.01 0.98
C GLN B 161 -21.93 -7.83 0.58
N VAL B 162 -22.73 -8.90 0.76
CA VAL B 162 -24.10 -9.00 0.28
C VAL B 162 -24.92 -9.61 1.41
N VAL B 163 -26.14 -9.11 1.63
CA VAL B 163 -27.02 -9.74 2.61
C VAL B 163 -28.48 -9.55 2.23
N ASN B 164 -29.30 -10.52 2.59
CA ASN B 164 -30.72 -10.52 2.24
C ASN B 164 -31.54 -10.38 3.51
N LEU B 165 -32.41 -9.38 3.52
CA LEU B 165 -33.13 -9.02 4.74
C LEU B 165 -34.62 -8.86 4.39
N PRO B 166 -35.55 -9.35 5.24
CA PRO B 166 -36.98 -9.11 5.04
C PRO B 166 -37.44 -7.71 5.43
N ILE B 167 -38.30 -7.13 4.60
CA ILE B 167 -39.03 -5.93 4.91
C ILE B 167 -39.91 -6.20 6.14
N VAL B 168 -40.16 -5.11 6.90
CA VAL B 168 -40.77 -5.19 8.22
C VAL B 168 -41.96 -4.23 8.25
N GLU B 169 -43.07 -4.70 8.86
CA GLU B 169 -44.32 -3.97 9.09
C GLU B 169 -44.03 -2.61 9.75
N ARG B 170 -44.60 -1.53 9.20
N ARG B 170 -44.60 -1.53 9.19
CA ARG B 170 -44.36 -0.17 9.66
CA ARG B 170 -44.41 -0.17 9.65
C ARG B 170 -44.50 -0.01 11.18
C ARG B 170 -44.50 -0.04 11.17
N PRO B 171 -45.56 -0.56 11.85
CA PRO B 171 -45.68 -0.44 13.31
C PRO B 171 -44.54 -1.07 14.11
N VAL B 172 -43.93 -2.14 13.59
CA VAL B 172 -42.82 -2.76 14.27
C VAL B 172 -41.58 -1.90 14.04
N CYS B 173 -41.49 -1.25 12.87
CA CYS B 173 -40.39 -0.32 12.60
C CYS B 173 -40.46 0.85 13.60
N LYS B 174 -41.64 1.44 13.76
CA LYS B 174 -41.88 2.61 14.59
C LYS B 174 -41.67 2.32 16.08
N ASP B 175 -42.14 1.14 16.54
CA ASP B 175 -41.94 0.70 17.91
C ASP B 175 -40.47 0.40 18.23
N SER B 176 -39.61 0.17 17.22
CA SER B 176 -38.23 -0.21 17.48
C SER B 176 -37.33 1.01 17.69
N THR B 177 -37.85 2.22 17.59
CA THR B 177 -36.97 3.37 17.73
C THR B 177 -37.80 4.51 18.28
N ARG B 178 -37.12 5.51 18.85
CA ARG B 178 -37.76 6.71 19.36
C ARG B 178 -37.69 7.81 18.30
N ILE B 179 -36.94 7.54 17.22
CA ILE B 179 -36.90 8.48 16.11
C ILE B 179 -38.23 8.49 15.35
N ARG B 180 -38.67 9.68 14.94
CA ARG B 180 -39.87 9.80 14.15
C ARG B 180 -39.63 9.19 12.77
N ILE B 181 -40.34 8.12 12.43
CA ILE B 181 -40.07 7.59 11.12
C ILE B 181 -41.26 7.87 10.20
N THR B 182 -40.95 8.34 8.98
CA THR B 182 -41.93 8.90 8.07
C THR B 182 -42.18 7.92 6.94
N ASP B 183 -43.06 8.32 6.01
CA ASP B 183 -43.54 7.53 4.90
C ASP B 183 -42.50 7.43 3.78
N ASN B 184 -41.51 8.32 3.78
CA ASN B 184 -40.41 8.30 2.85
C ASN B 184 -39.34 7.32 3.33
N MET B 185 -39.68 6.42 4.27
CA MET B 185 -38.73 5.46 4.78
C MET B 185 -39.41 4.12 5.06
N PHE B 186 -38.68 3.01 4.88
CA PHE B 186 -39.13 1.74 5.43
C PHE B 186 -37.98 1.11 6.22
N CYS B 187 -38.27 0.01 6.91
CA CYS B 187 -37.25 -0.69 7.69
C CYS B 187 -37.25 -2.16 7.33
N ALA B 188 -36.11 -2.81 7.62
CA ALA B 188 -35.87 -4.18 7.21
C ALA B 188 -34.88 -4.83 8.16
N GLY B 189 -34.99 -6.15 8.32
CA GLY B 189 -34.16 -6.90 9.23
C GLY B 189 -34.95 -8.03 9.90
N TYR B 190 -34.25 -9.03 10.45
CA TYR B 190 -34.93 -10.08 11.16
C TYR B 190 -35.29 -9.59 12.55
N LYS B 191 -36.40 -10.14 13.05
CA LYS B 191 -36.91 -9.92 14.41
C LYS B 191 -36.08 -10.78 15.36
N PRO B 192 -35.96 -10.43 16.67
CA PRO B 192 -35.11 -11.19 17.59
C PRO B 192 -35.43 -12.70 17.59
N ASP B 193 -36.68 -13.03 17.29
CA ASP B 193 -37.17 -14.40 17.36
C ASP B 193 -36.60 -15.22 16.22
N GLU B 194 -36.36 -14.56 15.09
CA GLU B 194 -36.38 -15.24 13.81
C GLU B 194 -35.17 -16.13 13.59
N GLY B 195 -34.22 -16.16 14.54
CA GLY B 195 -33.14 -17.12 14.43
C GLY B 195 -32.02 -16.69 13.48
N LYS B 196 -32.37 -15.92 12.44
CA LYS B 196 -31.38 -15.37 11.51
C LYS B 196 -31.07 -13.91 11.88
N ARG B 197 -29.95 -13.38 11.35
CA ARG B 197 -29.58 -12.00 11.65
C ARG B 197 -28.83 -11.38 10.47
N GLY B 198 -28.47 -10.09 10.59
CA GLY B 198 -27.80 -9.37 9.52
C GLY B 198 -28.27 -7.93 9.40
N ASP B 199 -27.47 -7.08 8.74
CA ASP B 199 -27.82 -5.68 8.62
C ASP B 199 -26.77 -4.96 7.79
N ALA B 200 -27.06 -3.71 7.41
CA ALA B 200 -26.00 -2.85 6.91
C ALA B 200 -25.22 -2.31 8.11
N CYS B 201 -24.13 -1.56 7.85
CA CYS B 201 -23.34 -0.97 8.93
C CYS B 201 -22.57 0.25 8.38
N GLU B 202 -21.71 0.86 9.20
CA GLU B 202 -21.05 2.09 8.79
C GLU B 202 -20.27 1.85 7.50
N GLY B 203 -20.51 2.70 6.51
CA GLY B 203 -19.84 2.57 5.22
C GLY B 203 -20.78 2.05 4.13
N ASP B 204 -21.94 1.49 4.52
CA ASP B 204 -22.94 0.96 3.60
C ASP B 204 -24.03 1.97 3.24
N SER B 205 -24.18 3.06 4.02
CA SER B 205 -25.05 4.20 3.75
C SER B 205 -24.95 4.59 2.29
N GLY B 206 -26.10 4.96 1.70
CA GLY B 206 -26.17 5.37 0.31
C GLY B 206 -26.24 4.21 -0.68
N GLY B 207 -25.90 2.98 -0.26
CA GLY B 207 -25.93 1.85 -1.19
C GLY B 207 -27.37 1.42 -1.46
N PRO B 208 -27.61 0.46 -2.38
CA PRO B 208 -28.97 0.09 -2.78
C PRO B 208 -29.60 -1.06 -1.99
N PHE B 209 -30.90 -0.93 -1.65
CA PHE B 209 -31.68 -2.09 -1.24
C PHE B 209 -32.47 -2.58 -2.45
N VAL B 210 -32.14 -3.77 -2.94
CA VAL B 210 -32.67 -4.12 -4.25
C VAL B 210 -33.57 -5.33 -4.09
N MET B 211 -34.52 -5.49 -5.01
CA MET B 211 -35.37 -6.69 -5.04
C MET B 211 -35.45 -7.19 -6.48
N LYS B 212 -35.54 -8.51 -6.64
CA LYS B 212 -35.67 -9.16 -7.94
C LYS B 212 -37.14 -9.47 -8.19
N SER B 213 -37.74 -8.82 -9.20
CA SER B 213 -39.10 -9.11 -9.66
C SER B 213 -39.21 -10.52 -10.26
N PRO B 214 -40.15 -11.36 -9.77
CA PRO B 214 -40.34 -12.69 -10.33
C PRO B 214 -41.15 -12.59 -11.62
N PHE B 215 -41.77 -11.41 -11.86
CA PHE B 215 -42.60 -11.21 -13.04
C PHE B 215 -41.74 -11.10 -14.31
N ASN B 216 -40.54 -10.51 -14.19
CA ASN B 216 -39.77 -10.09 -15.35
C ASN B 216 -38.27 -10.28 -15.11
N ASN B 217 -37.91 -10.93 -14.01
CA ASN B 217 -36.53 -11.34 -13.74
C ASN B 217 -35.54 -10.18 -13.58
N ARG B 218 -36.03 -8.93 -13.55
CA ARG B 218 -35.15 -7.80 -13.32
C ARG B 218 -35.07 -7.46 -11.83
N TRP B 219 -33.95 -6.82 -11.48
CA TRP B 219 -33.64 -6.27 -10.17
C TRP B 219 -34.06 -4.80 -10.14
N TYR B 220 -34.77 -4.44 -9.05
CA TYR B 220 -35.27 -3.09 -8.80
C TYR B 220 -34.72 -2.56 -7.47
N GLN B 221 -34.30 -1.29 -7.49
CA GLN B 221 -33.86 -0.67 -6.26
C GLN B 221 -35.08 -0.08 -5.56
N MET B 222 -35.45 -0.71 -4.44
CA MET B 222 -36.58 -0.25 -3.66
C MET B 222 -36.13 0.79 -2.64
N GLY B 223 -34.85 0.73 -2.24
CA GLY B 223 -34.35 1.50 -1.10
C GLY B 223 -32.91 2.02 -1.23
N ILE B 224 -32.61 3.03 -0.39
CA ILE B 224 -31.24 3.51 -0.14
C ILE B 224 -30.88 3.32 1.35
N VAL B 225 -29.75 2.67 1.64
CA VAL B 225 -29.27 2.52 3.00
C VAL B 225 -29.14 3.92 3.61
N SER B 226 -29.87 4.16 4.68
CA SER B 226 -29.91 5.48 5.30
C SER B 226 -29.26 5.44 6.69
N TRP B 227 -29.89 4.75 7.65
CA TRP B 227 -29.40 4.73 9.02
C TRP B 227 -29.98 3.56 9.79
N GLY B 228 -29.30 3.16 10.87
CA GLY B 228 -29.84 2.28 11.88
C GLY B 228 -29.34 2.66 13.27
N GLU B 229 -29.98 2.13 14.30
CA GLU B 229 -29.41 2.33 15.62
C GLU B 229 -28.34 1.27 15.82
N GLY B 230 -27.11 1.64 15.40
CA GLY B 230 -26.00 0.71 15.37
C GLY B 230 -26.15 -0.27 14.20
N CYS B 231 -25.75 -1.53 14.42
CA CYS B 231 -25.79 -2.49 13.33
C CYS B 231 -26.18 -3.85 13.90
N ASP B 232 -27.25 -4.43 13.35
CA ASP B 232 -27.61 -5.80 13.72
C ASP B 232 -27.88 -5.91 15.22
N ARG B 233 -28.46 -4.88 15.83
CA ARG B 233 -28.85 -5.05 17.22
C ARG B 233 -30.22 -5.72 17.28
N ASP B 234 -30.41 -6.63 18.26
CA ASP B 234 -31.71 -7.26 18.45
C ASP B 234 -32.73 -6.21 18.79
N GLY B 235 -33.89 -6.26 18.13
CA GLY B 235 -34.94 -5.30 18.43
C GLY B 235 -34.80 -4.02 17.61
N LYS B 236 -33.73 -3.94 16.80
CA LYS B 236 -33.49 -2.76 15.99
C LYS B 236 -33.54 -3.14 14.51
N TYR B 237 -33.81 -2.17 13.64
CA TYR B 237 -33.92 -2.46 12.22
C TYR B 237 -33.11 -1.45 11.41
N GLY B 238 -32.77 -1.83 10.18
CA GLY B 238 -32.15 -0.88 9.26
C GLY B 238 -33.22 -0.03 8.62
N PHE B 239 -32.98 1.28 8.48
CA PHE B 239 -33.91 2.19 7.83
C PHE B 239 -33.39 2.58 6.45
N TYR B 240 -34.29 2.57 5.46
CA TYR B 240 -33.99 2.83 4.06
C TYR B 240 -34.91 3.95 3.60
N THR B 241 -34.38 4.79 2.71
CA THR B 241 -35.19 5.73 1.96
C THR B 241 -36.02 4.91 0.97
N HIS B 242 -37.34 5.16 0.94
CA HIS B 242 -38.34 4.59 0.05
C HIS B 242 -38.22 5.19 -1.35
N VAL B 243 -37.51 4.51 -2.25
CA VAL B 243 -37.20 5.07 -3.56
C VAL B 243 -38.48 5.40 -4.32
N PHE B 244 -39.45 4.49 -4.30
CA PHE B 244 -40.70 4.78 -4.99
C PHE B 244 -41.27 6.14 -4.58
N ARG B 245 -41.59 6.32 -3.30
CA ARG B 245 -42.21 7.54 -2.76
C ARG B 245 -41.45 8.81 -3.18
N LEU B 246 -40.18 8.70 -3.60
CA LEU B 246 -39.45 9.88 -3.98
C LEU B 246 -39.10 9.84 -5.48
N LYS B 247 -39.73 8.91 -6.22
CA LYS B 247 -39.43 8.76 -7.64
C LYS B 247 -39.75 10.04 -8.41
N LYS B 248 -40.86 10.70 -8.04
CA LYS B 248 -41.25 11.97 -8.65
C LYS B 248 -40.07 12.94 -8.63
N TRP B 249 -39.42 13.10 -7.45
CA TRP B 249 -38.22 13.94 -7.39
C TRP B 249 -37.12 13.47 -8.34
N ILE B 250 -36.90 12.14 -8.44
CA ILE B 250 -35.80 11.60 -9.22
C ILE B 250 -36.02 11.93 -10.70
N GLN B 251 -37.19 11.51 -11.23
CA GLN B 251 -37.70 11.85 -12.55
C GLN B 251 -37.56 13.35 -12.81
N LYS B 252 -38.15 14.17 -11.92
CA LYS B 252 -38.11 15.62 -12.01
C LYS B 252 -36.70 16.14 -12.31
N VAL B 253 -35.70 15.70 -11.52
CA VAL B 253 -34.34 16.22 -11.64
C VAL B 253 -33.69 15.72 -12.93
N ILE B 254 -33.80 14.42 -13.22
CA ILE B 254 -33.25 13.82 -14.45
C ILE B 254 -33.80 14.49 -15.72
N ASP B 255 -35.14 14.60 -15.78
CA ASP B 255 -35.91 15.24 -16.84
C ASP B 255 -35.57 16.73 -17.01
N GLN B 256 -34.87 17.35 -16.04
CA GLN B 256 -34.61 18.77 -16.17
C GLN B 256 -33.14 18.99 -16.46
N PHE B 257 -32.29 18.07 -16.00
CA PHE B 257 -30.86 18.32 -16.12
C PHE B 257 -30.18 17.25 -16.98
N GLY B 258 -30.98 16.47 -17.72
CA GLY B 258 -30.49 15.53 -18.72
C GLY B 258 -30.66 16.07 -20.13
N GLU C 6 18.10 5.55 1.33
CA GLU C 6 17.00 6.56 1.46
C GLU C 6 15.68 5.84 1.71
N ALA C 7 15.15 5.15 0.68
CA ALA C 7 14.03 4.24 0.83
C ALA C 7 14.51 2.81 0.57
N ASP C 8 15.72 2.53 1.10
CA ASP C 8 16.28 1.19 1.20
C ASP C 8 16.51 0.84 2.69
N CYS C 9 16.15 1.81 3.56
CA CYS C 9 16.37 1.78 5.00
C CYS C 9 15.79 0.55 5.68
N GLY C 10 16.51 0.02 6.68
CA GLY C 10 15.97 -0.99 7.58
C GLY C 10 16.13 -2.41 7.06
N LEU C 11 16.87 -2.59 5.97
CA LEU C 11 17.01 -3.93 5.44
C LEU C 11 18.49 -4.29 5.33
N ARG C 12 18.95 -5.21 6.18
CA ARG C 12 20.39 -5.37 6.35
C ARG C 12 20.97 -6.19 5.20
N PRO C 13 22.16 -5.80 4.66
CA PRO C 13 22.81 -6.54 3.58
C PRO C 13 23.02 -8.01 3.96
N LEU C 14 23.36 -8.28 5.22
CA LEU C 14 23.81 -9.63 5.55
C LEU C 14 22.69 -10.52 6.10
N PHE C 15 21.45 -10.00 6.15
CA PHE C 15 20.30 -10.68 6.75
C PHE C 15 19.00 -10.65 5.93
N GLU C 16 18.25 -9.56 6.01
CA GLU C 16 17.03 -9.41 5.22
C GLU C 16 17.31 -9.52 3.72
N LYS C 17 18.49 -9.05 3.30
CA LYS C 17 18.75 -8.98 1.88
C LYS C 17 19.12 -10.37 1.37
N LYS C 18 19.62 -11.24 2.26
CA LYS C 18 20.07 -12.58 1.90
C LYS C 18 19.07 -13.65 2.35
N SER C 19 17.84 -13.26 2.73
CA SER C 19 16.87 -14.08 3.44
C SER C 19 17.54 -14.86 4.58
N LEU C 20 18.18 -14.12 5.49
CA LEU C 20 18.78 -14.69 6.69
C LEU C 20 18.22 -13.98 7.91
N GLU C 21 18.12 -14.76 8.99
CA GLU C 21 17.63 -14.26 10.26
C GLU C 21 18.82 -14.27 11.22
N ASP C 22 18.98 -13.16 11.95
CA ASP C 22 19.91 -13.12 13.09
C ASP C 22 19.38 -14.05 14.18
N LYS C 23 20.20 -14.29 15.22
CA LYS C 23 19.90 -15.31 16.22
C LYS C 23 18.72 -14.94 17.11
N THR C 24 18.25 -13.68 17.08
CA THR C 24 17.39 -13.27 18.18
C THR C 24 16.16 -12.49 17.68
N GLU C 25 16.07 -12.22 16.38
CA GLU C 25 15.01 -11.33 15.90
C GLU C 25 13.64 -11.99 16.02
N ARG C 26 13.63 -13.32 16.01
CA ARG C 26 12.40 -14.07 16.22
C ARG C 26 11.78 -13.70 17.57
N GLU C 27 12.63 -13.49 18.58
CA GLU C 27 12.18 -13.10 19.91
C GLU C 27 11.38 -11.80 19.80
N LEU C 28 11.82 -10.87 18.94
CA LEU C 28 11.05 -9.65 18.71
C LEU C 28 9.71 -10.01 18.08
N LEU C 29 9.76 -10.90 17.09
CA LEU C 29 8.56 -11.31 16.37
C LEU C 29 7.62 -12.05 17.32
N GLU C 30 8.17 -12.86 18.24
CA GLU C 30 7.35 -13.65 19.14
C GLU C 30 6.59 -12.74 20.11
N SER C 31 7.07 -11.51 20.28
CA SER C 31 6.52 -10.59 21.27
C SER C 31 5.28 -9.88 20.73
N TYR C 32 5.03 -9.99 19.41
CA TYR C 32 3.89 -9.31 18.81
C TYR C 32 2.66 -10.20 18.96
N ILE C 33 2.91 -11.51 18.89
CA ILE C 33 1.91 -12.56 18.97
C ILE C 33 1.65 -12.87 20.46
N ILE D 1 26.00 -2.46 27.67
CA ILE D 1 24.84 -3.43 27.61
C ILE D 1 25.00 -4.53 28.66
N VAL D 2 24.03 -4.58 29.59
CA VAL D 2 24.01 -5.55 30.66
C VAL D 2 23.17 -6.73 30.19
N GLU D 3 23.77 -7.93 30.30
CA GLU D 3 23.09 -9.21 30.13
C GLU D 3 22.60 -9.37 28.71
N GLY D 4 23.33 -8.75 27.77
CA GLY D 4 23.14 -9.01 26.35
C GLY D 4 24.14 -10.07 25.87
N SER D 5 24.29 -10.15 24.56
CA SER D 5 25.29 -11.03 23.97
C SER D 5 25.97 -10.27 22.83
N ASP D 6 27.03 -10.90 22.29
CA ASP D 6 27.80 -10.32 21.20
C ASP D 6 26.88 -10.28 19.99
N ALA D 7 26.92 -9.16 19.27
CA ALA D 7 26.21 -9.04 18.00
C ALA D 7 26.91 -9.88 16.94
N GLU D 8 26.15 -10.25 15.91
CA GLU D 8 26.72 -10.87 14.73
C GLU D 8 27.22 -9.76 13.82
N ILE D 9 28.32 -10.04 13.12
CA ILE D 9 28.85 -9.13 12.12
C ILE D 9 27.72 -8.64 11.21
N GLY D 10 27.48 -7.32 11.21
CA GLY D 10 26.53 -6.71 10.28
C GLY D 10 25.08 -6.76 10.77
N MET D 11 24.90 -7.11 12.05
CA MET D 11 23.59 -7.26 12.68
C MET D 11 22.93 -5.89 12.84
N SER D 12 23.75 -4.85 13.06
CA SER D 12 23.23 -3.53 13.34
C SER D 12 24.09 -2.55 12.56
N PRO D 13 23.95 -2.52 11.22
CA PRO D 13 24.82 -1.74 10.34
C PRO D 13 24.54 -0.24 10.44
N TRP D 14 23.52 0.12 11.24
CA TRP D 14 23.22 1.54 11.45
C TRP D 14 23.88 2.04 12.72
N GLN D 15 24.48 1.13 13.50
CA GLN D 15 25.20 1.46 14.73
C GLN D 15 26.32 2.44 14.42
N VAL D 16 26.41 3.52 15.17
CA VAL D 16 27.49 4.47 15.01
C VAL D 16 28.15 4.55 16.37
N MET D 17 29.48 4.62 16.38
CA MET D 17 30.26 4.98 17.54
C MET D 17 30.61 6.48 17.45
N LEU D 18 30.23 7.20 18.47
CA LEU D 18 30.70 8.57 18.64
C LEU D 18 32.00 8.57 19.44
N PHE D 19 33.05 9.16 18.84
CA PHE D 19 34.40 9.00 19.35
C PHE D 19 35.06 10.36 19.54
N ARG D 20 35.68 10.54 20.72
CA ARG D 20 36.41 11.75 21.07
C ARG D 20 37.81 11.73 20.44
N LYS D 21 38.26 12.92 20.01
CA LYS D 21 39.59 12.99 19.38
C LYS D 21 40.68 12.98 20.44
N SER D 22 40.38 13.64 21.57
CA SER D 22 41.32 13.89 22.64
C SER D 22 40.59 14.11 23.98
N PRO D 23 40.72 13.19 24.97
CA PRO D 23 41.38 11.88 24.75
C PRO D 23 40.68 11.02 23.70
N GLN D 24 41.42 10.09 23.13
CA GLN D 24 40.84 9.17 22.13
C GLN D 24 40.06 8.13 22.89
N GLU D 25 38.74 8.23 22.86
CA GLU D 25 37.88 7.32 23.63
C GLU D 25 36.42 7.40 23.18
N LEU D 26 35.74 6.26 23.26
CA LEU D 26 34.31 6.18 22.95
C LEU D 26 33.57 7.19 23.82
N LEU D 27 32.71 7.98 23.20
CA LEU D 27 31.85 8.93 23.89
C LEU D 27 30.44 8.37 24.12
N CYS D 28 29.85 7.74 23.10
CA CYS D 28 28.41 7.48 23.07
C CYS D 28 28.05 6.63 21.84
N GLY D 29 26.86 6.03 21.87
CA GLY D 29 26.24 5.46 20.69
C GLY D 29 25.50 6.51 19.86
N ALA D 30 25.08 6.07 18.67
CA ALA D 30 24.41 6.89 17.69
C ALA D 30 23.91 5.95 16.60
N SER D 31 23.24 6.51 15.59
CA SER D 31 22.73 5.73 14.50
C SER D 31 22.79 6.53 13.21
N LEU D 32 22.87 5.78 12.13
CA LEU D 32 22.83 6.31 10.77
C LEU D 32 21.41 6.26 10.23
N ILE D 33 20.89 7.41 9.78
CA ILE D 33 19.52 7.56 9.29
C ILE D 33 19.50 7.96 7.82
N SER D 34 20.65 8.32 7.24
CA SER D 34 20.78 8.60 5.81
C SER D 34 22.28 8.61 5.52
N ASP D 35 22.63 8.91 4.27
CA ASP D 35 24.03 8.84 3.92
C ASP D 35 24.81 10.01 4.52
N ARG D 36 24.12 11.00 5.11
CA ARG D 36 24.81 12.17 5.64
C ARG D 36 24.39 12.56 7.07
N TRP D 37 23.45 11.82 7.66
CA TRP D 37 22.81 12.19 8.93
C TRP D 37 22.92 11.09 9.99
N VAL D 38 23.38 11.50 11.18
CA VAL D 38 23.57 10.63 12.33
C VAL D 38 22.73 11.18 13.48
N LEU D 39 21.93 10.30 14.11
CA LEU D 39 21.05 10.61 15.24
C LEU D 39 21.70 10.09 16.53
N THR D 40 21.67 10.92 17.59
CA THR D 40 22.16 10.56 18.92
C THR D 40 21.43 11.37 20.01
N ALA D 41 21.91 11.22 21.26
CA ALA D 41 21.32 11.85 22.43
C ALA D 41 21.95 13.22 22.66
N ALA D 42 21.11 14.23 22.97
CA ALA D 42 21.65 15.56 23.22
C ALA D 42 22.77 15.55 24.27
N HIS D 43 22.55 14.80 25.37
CA HIS D 43 23.43 14.83 26.54
C HIS D 43 24.81 14.27 26.21
N CYS D 44 24.94 13.58 25.04
CA CYS D 44 26.23 13.09 24.61
C CYS D 44 27.08 14.24 24.10
N LEU D 45 26.44 15.38 23.77
CA LEU D 45 27.12 16.44 23.05
C LEU D 45 27.13 17.71 23.91
N LEU D 46 26.04 17.94 24.65
CA LEU D 46 25.86 19.14 25.43
C LEU D 46 25.30 18.76 26.78
N TYR D 47 26.10 18.91 27.84
CA TYR D 47 25.56 18.72 29.19
C TYR D 47 26.30 19.66 30.13
N PRO D 48 25.87 20.94 30.26
CA PRO D 48 26.68 21.94 30.98
C PRO D 48 27.09 21.56 32.42
N PRO D 49 26.24 20.90 33.25
CA PRO D 49 26.65 20.47 34.59
C PRO D 49 27.96 19.67 34.67
N TRP D 50 28.30 18.91 33.63
CA TRP D 50 29.56 18.19 33.66
C TRP D 50 30.56 18.86 32.74
N ASP D 51 30.28 20.11 32.37
CA ASP D 51 31.19 20.81 31.49
C ASP D 51 31.28 20.12 30.12
N LYS D 52 30.19 19.53 29.64
CA LYS D 52 30.20 18.91 28.32
C LYS D 52 29.55 19.86 27.31
N ASN D 53 30.35 20.28 26.31
CA ASN D 53 29.89 21.10 25.21
C ASN D 53 30.79 20.86 24.00
N PHE D 54 30.61 19.73 23.31
CA PHE D 54 31.44 19.42 22.15
C PHE D 54 31.01 20.26 20.94
N THR D 55 32.00 20.80 20.20
CA THR D 55 31.76 21.31 18.85
C THR D 55 32.16 20.27 17.80
N GLU D 56 31.97 20.63 16.53
CA GLU D 56 32.01 19.70 15.42
C GLU D 56 33.36 19.01 15.32
N ASN D 57 34.46 19.73 15.59
CA ASN D 57 35.82 19.26 15.36
C ASN D 57 36.34 18.36 16.49
N ASP D 58 35.58 18.25 17.59
CA ASP D 58 36.05 17.53 18.76
C ASP D 58 35.80 16.02 18.64
N LEU D 59 34.99 15.59 17.63
CA LEU D 59 34.44 14.23 17.58
C LEU D 59 34.65 13.63 16.20
N LEU D 60 34.58 12.30 16.15
CA LEU D 60 34.42 11.68 14.86
C LEU D 60 33.29 10.67 14.95
N VAL D 61 32.73 10.26 13.82
CA VAL D 61 31.76 9.20 13.92
C VAL D 61 32.41 7.99 13.27
N ARG D 62 32.26 6.81 13.87
CA ARG D 62 32.80 5.57 13.31
C ARG D 62 31.63 4.66 12.98
N ILE D 63 31.51 4.35 11.69
CA ILE D 63 30.42 3.58 11.12
C ILE D 63 30.98 2.23 10.65
N GLY D 64 30.14 1.19 10.80
CA GLY D 64 30.42 -0.17 10.37
C GLY D 64 31.29 -0.96 11.34
N LYS D 65 31.31 -0.53 12.60
CA LYS D 65 32.25 -1.13 13.53
C LYS D 65 31.68 -2.40 14.13
N HIS D 66 32.59 -3.19 14.68
CA HIS D 66 32.22 -4.40 15.39
C HIS D 66 32.98 -4.43 16.71
N SER D 67 34.30 -4.43 16.61
CA SER D 67 35.16 -4.35 17.78
C SER D 67 35.02 -2.96 18.42
N ARG D 68 35.20 -2.90 19.74
CA ARG D 68 35.09 -1.66 20.48
C ARG D 68 36.38 -0.86 20.37
N THR D 69 37.53 -1.54 20.33
CA THR D 69 38.79 -0.85 20.51
C THR D 69 39.64 -0.84 19.24
N ARG D 70 39.44 -1.86 18.41
CA ARG D 70 40.30 -2.11 17.26
C ARG D 70 39.95 -1.11 16.16
N TYR D 71 40.97 -0.52 15.53
CA TYR D 71 40.76 0.11 14.22
C TYR D 71 40.52 -0.94 13.16
N GLU D 72 39.34 -0.92 12.55
CA GLU D 72 38.93 -1.98 11.65
C GLU D 72 39.10 -1.51 10.19
N ARG D 73 40.37 -1.44 9.74
CA ARG D 73 40.73 -0.95 8.42
C ARG D 73 40.00 -1.72 7.31
N ASN D 74 39.47 -0.95 6.34
CA ASN D 74 38.74 -1.39 5.17
C ASN D 74 37.34 -1.92 5.50
N ILE D 75 36.89 -1.75 6.76
CA ILE D 75 35.54 -2.13 7.19
C ILE D 75 34.81 -0.88 7.69
N GLU D 76 35.37 -0.25 8.71
CA GLU D 76 34.72 0.93 9.25
C GLU D 76 35.09 2.18 8.46
N LYS D 77 34.15 3.12 8.40
CA LYS D 77 34.39 4.44 7.87
C LYS D 77 34.37 5.44 9.02
N ILE D 78 35.44 6.24 9.11
CA ILE D 78 35.50 7.31 10.10
C ILE D 78 35.18 8.61 9.40
N SER D 79 34.11 9.31 9.81
CA SER D 79 33.79 10.52 9.07
C SER D 79 33.72 11.76 9.95
N MET D 80 33.98 12.91 9.35
N MET D 80 34.10 12.90 9.38
CA MET D 80 34.07 14.16 10.14
CA MET D 80 34.15 14.15 10.19
C MET D 80 32.72 14.83 10.21
C MET D 80 32.75 14.78 10.25
N LEU D 81 32.56 15.69 11.18
CA LEU D 81 31.25 16.32 11.36
C LEU D 81 31.22 17.66 10.61
N GLU D 82 30.14 17.92 9.86
CA GLU D 82 29.93 19.27 9.35
C GLU D 82 29.31 20.17 10.42
N LYS D 83 28.28 19.70 11.12
CA LYS D 83 27.53 20.58 12.02
C LYS D 83 26.74 19.74 13.02
N ILE D 84 26.61 20.23 14.27
CA ILE D 84 25.82 19.58 15.31
C ILE D 84 24.52 20.38 15.46
N TYR D 85 23.38 19.69 15.61
CA TYR D 85 22.09 20.28 15.92
C TYR D 85 21.48 19.65 17.17
N ILE D 86 21.11 20.47 18.16
CA ILE D 86 20.61 19.95 19.43
C ILE D 86 19.21 20.50 19.64
N HIS D 87 18.28 19.62 20.03
CA HIS D 87 16.91 20.11 20.11
C HIS D 87 16.92 21.40 20.95
N PRO D 88 16.28 22.49 20.46
CA PRO D 88 16.28 23.76 21.20
C PRO D 88 15.54 23.73 22.55
N ARG D 89 14.71 22.70 22.79
CA ARG D 89 14.01 22.51 24.07
C ARG D 89 14.54 21.31 24.89
N TYR D 90 15.79 20.89 24.61
CA TYR D 90 16.44 19.85 25.40
C TYR D 90 16.59 20.41 26.82
N ASN D 91 16.09 19.67 27.79
CA ASN D 91 16.11 20.15 29.16
C ASN D 91 17.19 19.40 29.93
N TRP D 92 18.36 20.01 30.03
CA TRP D 92 19.46 19.37 30.70
C TRP D 92 19.41 19.76 32.16
N ARG D 93 18.64 20.79 32.47
CA ARG D 93 18.52 21.34 33.81
C ARG D 93 17.80 20.37 34.75
N GLU D 94 16.89 19.53 34.20
CA GLU D 94 16.02 18.69 35.00
C GLU D 94 16.16 17.21 34.58
N ASN D 95 15.36 16.76 33.60
CA ASN D 95 15.09 15.34 33.36
C ASN D 95 15.55 14.90 31.95
N LEU D 96 16.38 15.71 31.28
CA LEU D 96 16.86 15.33 29.96
C LEU D 96 15.67 15.19 29.01
N ASP D 97 14.64 16.04 29.14
CA ASP D 97 13.48 15.95 28.26
C ASP D 97 13.99 16.26 26.86
N ARG D 98 13.46 15.57 25.84
CA ARG D 98 13.84 15.86 24.46
C ARG D 98 15.36 15.65 24.28
N ASP D 99 15.81 14.42 24.59
CA ASP D 99 17.22 14.10 24.61
C ASP D 99 17.62 13.56 23.25
N ILE D 100 17.91 14.50 22.34
CA ILE D 100 18.04 14.16 20.95
C ILE D 100 18.90 15.22 20.29
N ALA D 101 19.77 14.74 19.38
CA ALA D 101 20.59 15.62 18.57
C ALA D 101 20.83 14.97 17.21
N LEU D 102 21.18 15.81 16.24
CA LEU D 102 21.54 15.37 14.90
C LEU D 102 22.93 15.90 14.54
N MET D 103 23.68 15.09 13.79
CA MET D 103 24.98 15.44 13.25
C MET D 103 24.98 15.21 11.74
N LYS D 104 25.30 16.26 10.98
CA LYS D 104 25.46 16.09 9.54
C LYS D 104 26.93 15.87 9.23
N LEU D 105 27.23 14.91 8.34
CA LEU D 105 28.57 14.52 8.02
C LEU D 105 29.13 15.48 6.99
N LYS D 106 30.45 15.71 7.05
CA LYS D 106 31.17 16.51 6.06
C LYS D 106 30.86 16.01 4.64
N LYS D 107 30.93 14.69 4.44
CA LYS D 107 30.60 14.11 3.14
C LYS D 107 29.68 12.91 3.32
N PRO D 108 28.88 12.54 2.27
CA PRO D 108 28.10 11.31 2.28
C PRO D 108 28.95 10.06 2.54
N VAL D 109 28.32 9.05 3.13
CA VAL D 109 29.12 7.89 3.46
C VAL D 109 28.66 6.75 2.57
N ALA D 110 29.60 5.92 2.17
CA ALA D 110 29.26 4.83 1.28
C ALA D 110 28.65 3.68 2.09
N PHE D 111 27.45 3.23 1.67
CA PHE D 111 26.80 2.05 2.19
C PHE D 111 27.62 0.82 1.83
N SER D 112 27.66 -0.18 2.70
CA SER D 112 28.30 -1.44 2.37
C SER D 112 27.56 -2.61 3.03
N ASP D 113 28.26 -3.72 3.24
CA ASP D 113 27.72 -4.84 3.97
C ASP D 113 27.60 -4.52 5.47
N TYR D 114 28.43 -3.61 5.97
CA TYR D 114 28.50 -3.28 7.39
C TYR D 114 27.91 -1.91 7.71
N ILE D 115 27.47 -1.16 6.70
CA ILE D 115 27.01 0.20 6.92
C ILE D 115 25.75 0.46 6.09
N HIS D 116 24.63 0.67 6.79
CA HIS D 116 23.33 0.80 6.15
C HIS D 116 22.37 1.59 7.06
N PRO D 117 21.58 2.56 6.56
CA PRO D 117 20.76 3.39 7.44
C PRO D 117 19.54 2.64 7.98
N VAL D 118 19.09 3.02 9.19
CA VAL D 118 17.87 2.53 9.78
C VAL D 118 16.75 3.46 9.34
N CYS D 119 15.50 2.95 9.31
CA CYS D 119 14.29 3.73 9.04
C CYS D 119 13.80 4.47 10.29
N LEU D 120 13.14 5.60 10.07
CA LEU D 120 12.47 6.36 11.11
C LEU D 120 10.97 6.14 10.97
N PRO D 121 10.23 5.89 12.08
CA PRO D 121 8.81 5.57 12.02
C PRO D 121 7.95 6.74 11.56
N ASP D 122 6.82 6.41 10.92
CA ASP D 122 5.75 7.35 10.66
C ASP D 122 4.73 7.21 11.78
N ARG D 123 3.60 7.93 11.68
CA ARG D 123 2.52 7.79 12.64
C ARG D 123 2.04 6.33 12.76
N GLU D 124 1.92 5.61 11.64
CA GLU D 124 1.24 4.32 11.73
C GLU D 124 2.16 3.25 12.32
N THR D 125 3.44 3.25 11.86
CA THR D 125 4.42 2.32 12.40
C THR D 125 4.53 2.48 13.91
N ALA D 126 4.63 3.75 14.38
CA ALA D 126 4.71 4.05 15.80
C ALA D 126 3.47 3.57 16.54
N ALA D 127 2.27 3.84 15.99
CA ALA D 127 1.01 3.37 16.58
C ALA D 127 1.04 1.85 16.73
N SER D 128 1.43 1.12 15.67
CA SER D 128 1.45 -0.34 15.67
C SER D 128 2.46 -0.96 16.64
N LEU D 129 3.66 -0.38 16.71
CA LEU D 129 4.79 -1.06 17.30
C LEU D 129 5.02 -0.60 18.75
N LEU D 130 4.66 0.64 19.07
CA LEU D 130 4.99 1.20 20.39
C LEU D 130 4.00 0.73 21.44
N GLN D 131 4.04 -0.56 21.78
CA GLN D 131 3.05 -1.03 22.73
C GLN D 131 3.72 -1.80 23.86
N ALA D 132 3.16 -1.68 25.06
CA ALA D 132 3.69 -2.40 26.22
C ALA D 132 3.73 -3.90 25.94
N GLY D 133 4.88 -4.54 26.26
CA GLY D 133 5.04 -5.99 26.19
C GLY D 133 5.72 -6.42 24.88
N TYR D 134 5.68 -5.53 23.88
CA TYR D 134 6.36 -5.73 22.61
C TYR D 134 7.85 -5.40 22.80
N LYS D 135 8.71 -6.17 22.11
CA LYS D 135 10.13 -6.14 22.41
C LYS D 135 10.86 -5.34 21.36
N GLY D 136 11.79 -4.51 21.83
CA GLY D 136 12.73 -3.78 20.99
C GLY D 136 14.15 -4.27 21.25
N ARG D 137 15.13 -3.68 20.55
CA ARG D 137 16.51 -4.12 20.63
C ARG D 137 17.40 -2.90 20.85
N VAL D 138 18.29 -3.04 21.81
CA VAL D 138 19.25 -1.98 22.06
C VAL D 138 20.64 -2.53 21.79
N THR D 139 21.48 -1.70 21.17
CA THR D 139 22.83 -2.12 20.84
C THR D 139 23.82 -1.09 21.40
N GLY D 140 24.99 -1.60 21.82
CA GLY D 140 26.12 -0.71 22.05
C GLY D 140 27.38 -1.41 22.58
N TRP D 141 28.36 -0.53 22.88
CA TRP D 141 29.68 -0.86 23.34
C TRP D 141 29.86 -0.37 24.77
N GLY D 142 28.76 -0.06 25.46
CA GLY D 142 28.77 0.42 26.85
C GLY D 142 29.11 -0.73 27.79
N ASN D 143 29.21 -0.42 29.10
CA ASN D 143 29.62 -1.34 30.16
C ASN D 143 28.67 -2.53 30.29
N LEU D 144 29.23 -3.62 30.80
CA LEU D 144 28.58 -4.94 30.89
C LEU D 144 27.84 -5.05 32.21
N LYS D 145 28.24 -4.23 33.17
CA LYS D 145 27.59 -4.16 34.45
C LYS D 145 27.74 -2.74 35.01
N GLU D 146 26.84 -2.36 35.91
CA GLU D 146 26.89 -1.08 36.59
C GLU D 146 28.21 -0.90 37.38
N THR D 147 28.69 -1.96 38.02
CA THR D 147 29.86 -1.81 38.89
C THR D 147 30.89 -2.90 38.60
N LYS D 154 36.85 -7.16 34.46
CA LYS D 154 36.42 -6.44 33.22
C LYS D 154 35.03 -5.86 33.45
N GLY D 155 34.78 -4.70 32.81
CA GLY D 155 33.44 -4.12 32.65
C GLY D 155 33.05 -3.88 31.18
N GLN D 156 34.03 -3.88 30.27
CA GLN D 156 33.83 -3.39 28.91
C GLN D 156 33.89 -4.54 27.91
N PRO D 157 32.96 -4.63 26.94
CA PRO D 157 32.96 -5.73 25.98
C PRO D 157 34.01 -5.64 24.87
N SER D 158 34.27 -6.79 24.21
CA SER D 158 35.18 -6.89 23.06
C SER D 158 34.53 -6.27 21.85
N VAL D 159 33.26 -6.59 21.67
CA VAL D 159 32.55 -6.30 20.45
C VAL D 159 31.14 -5.80 20.79
N LEU D 160 30.46 -5.29 19.77
CA LEU D 160 29.14 -4.72 19.89
C LEU D 160 28.27 -5.75 20.60
N GLN D 161 27.59 -5.34 21.67
CA GLN D 161 26.60 -6.16 22.39
C GLN D 161 25.17 -5.84 21.89
N VAL D 162 24.29 -6.85 22.00
CA VAL D 162 22.85 -6.78 21.69
C VAL D 162 22.00 -7.34 22.83
N VAL D 163 20.86 -6.69 23.08
CA VAL D 163 19.88 -7.20 24.02
C VAL D 163 18.49 -6.76 23.55
N ASN D 164 17.50 -7.66 23.70
CA ASN D 164 16.11 -7.34 23.43
C ASN D 164 15.35 -7.12 24.72
N LEU D 165 14.48 -6.11 24.71
CA LEU D 165 13.80 -5.69 25.92
C LEU D 165 12.35 -5.33 25.60
N PRO D 166 11.39 -5.68 26.47
CA PRO D 166 9.99 -5.31 26.29
C PRO D 166 9.71 -3.89 26.73
N ILE D 167 8.97 -3.16 25.89
CA ILE D 167 8.48 -1.84 26.26
C ILE D 167 7.52 -2.01 27.43
N VAL D 168 7.52 -1.00 28.30
CA VAL D 168 6.83 -1.06 29.58
C VAL D 168 5.77 0.03 29.59
N GLU D 169 4.66 -0.21 30.29
CA GLU D 169 3.48 0.65 30.38
C GLU D 169 3.86 1.94 31.11
N ARG D 170 3.38 3.07 30.58
N ARG D 170 3.37 3.07 30.60
CA ARG D 170 3.75 4.40 31.04
CA ARG D 170 3.78 4.40 31.04
C ARG D 170 3.63 4.54 32.56
C ARG D 170 3.60 4.60 32.54
N PRO D 171 2.49 4.13 33.20
CA PRO D 171 2.36 4.26 34.66
C PRO D 171 3.44 3.54 35.47
N VAL D 172 3.80 2.31 35.06
CA VAL D 172 4.93 1.60 35.65
C VAL D 172 6.22 2.40 35.40
N CYS D 173 6.44 2.90 34.18
CA CYS D 173 7.61 3.74 33.95
C CYS D 173 7.70 4.82 35.02
N LYS D 174 6.58 5.49 35.31
CA LYS D 174 6.51 6.63 36.21
C LYS D 174 6.63 6.23 37.67
N ASP D 175 6.06 5.09 38.04
CA ASP D 175 6.15 4.64 39.43
C ASP D 175 7.56 4.15 39.80
N SER D 176 8.44 3.96 38.80
CA SER D 176 9.76 3.36 39.04
C SER D 176 10.83 4.39 39.37
N THR D 177 10.49 5.69 39.33
CA THR D 177 11.51 6.73 39.45
C THR D 177 10.85 7.98 40.00
N ARG D 178 11.61 8.76 40.76
CA ARG D 178 11.17 10.04 41.29
C ARG D 178 11.27 11.11 40.21
N ILE D 179 12.02 10.81 39.13
CA ILE D 179 12.22 11.72 38.03
C ILE D 179 10.94 11.85 37.22
N ARG D 180 10.67 13.10 36.80
CA ARG D 180 9.48 13.39 36.01
C ARG D 180 9.72 12.89 34.59
N ILE D 181 8.84 11.97 34.16
CA ILE D 181 9.01 11.43 32.82
C ILE D 181 7.93 12.00 31.90
N THR D 182 8.34 12.43 30.71
CA THR D 182 7.45 13.13 29.80
C THR D 182 7.01 12.18 28.70
N ASP D 183 6.14 12.73 27.83
CA ASP D 183 5.64 12.07 26.64
C ASP D 183 6.77 11.84 25.63
N ASN D 184 7.90 12.51 25.83
CA ASN D 184 9.03 12.48 24.90
C ASN D 184 9.94 11.29 25.24
N MET D 185 9.43 10.44 26.15
CA MET D 185 10.23 9.38 26.74
C MET D 185 9.36 8.14 26.79
N PHE D 186 9.98 6.97 26.67
CA PHE D 186 9.34 5.74 27.07
C PHE D 186 10.37 4.91 27.84
N CYS D 187 9.91 3.89 28.58
CA CYS D 187 10.86 3.03 29.26
C CYS D 187 10.70 1.59 28.80
N ALA D 188 11.77 0.81 28.99
CA ALA D 188 11.80 -0.59 28.61
C ALA D 188 12.65 -1.39 29.59
N GLY D 189 12.42 -2.70 29.54
CA GLY D 189 13.09 -3.66 30.41
C GLY D 189 12.08 -4.63 31.03
N TYR D 190 12.61 -5.64 31.69
CA TYR D 190 11.84 -6.67 32.33
C TYR D 190 11.53 -6.25 33.75
N LYS D 191 10.34 -6.67 34.22
CA LYS D 191 9.87 -6.48 35.59
C LYS D 191 10.65 -7.44 36.49
N PRO D 192 10.85 -7.14 37.79
CA PRO D 192 11.50 -8.08 38.70
C PRO D 192 10.98 -9.51 38.49
N ASP D 193 9.65 -9.64 38.40
CA ASP D 193 8.92 -10.92 38.38
C ASP D 193 8.98 -11.63 37.03
N GLU D 194 9.59 -11.01 36.01
CA GLU D 194 9.64 -11.61 34.69
C GLU D 194 10.79 -12.61 34.53
N GLY D 195 11.66 -12.73 35.56
CA GLY D 195 12.71 -13.75 35.54
C GLY D 195 13.96 -13.39 34.72
N LYS D 196 13.77 -12.75 33.56
CA LYS D 196 14.85 -12.31 32.67
C LYS D 196 15.29 -10.87 32.99
N ARG D 197 16.53 -10.53 32.61
CA ARG D 197 17.13 -9.24 32.92
C ARG D 197 17.63 -8.61 31.63
N GLY D 198 18.35 -7.49 31.77
CA GLY D 198 19.02 -6.85 30.64
C GLY D 198 18.73 -5.35 30.61
N ASP D 199 19.72 -4.56 30.19
CA ASP D 199 19.57 -3.12 30.22
C ASP D 199 20.74 -2.52 29.45
N ALA D 200 20.59 -1.28 28.98
CA ALA D 200 21.74 -0.49 28.57
C ALA D 200 22.50 -0.05 29.83
N CYS D 201 23.63 0.59 29.63
CA CYS D 201 24.51 1.03 30.69
C CYS D 201 25.44 2.12 30.15
N GLU D 202 26.29 2.66 31.02
CA GLU D 202 27.21 3.75 30.72
C GLU D 202 27.99 3.44 29.45
N GLY D 203 27.92 4.39 28.51
CA GLY D 203 28.56 4.22 27.21
C GLY D 203 27.59 3.78 26.11
N ASP D 204 26.38 3.31 26.48
CA ASP D 204 25.38 2.99 25.47
C ASP D 204 24.52 4.19 25.05
N SER D 205 24.51 5.25 25.88
CA SER D 205 23.74 6.46 25.66
C SER D 205 23.94 6.91 24.22
N GLY D 206 22.83 7.34 23.56
CA GLY D 206 22.90 7.82 22.18
C GLY D 206 22.58 6.74 21.15
N GLY D 207 22.71 5.50 21.57
CA GLY D 207 22.45 4.33 20.72
C GLY D 207 20.99 4.15 20.36
N PRO D 208 20.68 3.28 19.41
CA PRO D 208 19.31 3.11 18.98
C PRO D 208 18.55 1.97 19.65
N PHE D 209 17.26 2.21 19.86
CA PHE D 209 16.25 1.24 20.28
C PHE D 209 15.43 1.00 19.00
N VAL D 210 15.56 -0.16 18.39
CA VAL D 210 14.97 -0.37 17.08
C VAL D 210 13.94 -1.51 17.14
N MET D 211 12.96 -1.49 16.27
CA MET D 211 12.02 -2.61 16.18
C MET D 211 11.81 -3.01 14.72
N LYS D 212 11.52 -4.30 14.50
CA LYS D 212 11.27 -4.81 13.16
C LYS D 212 9.78 -4.78 12.86
N SER D 213 9.41 -4.12 11.76
CA SER D 213 8.07 -4.20 11.21
C SER D 213 7.72 -5.66 10.91
N PRO D 214 6.57 -6.17 11.39
CA PRO D 214 6.04 -7.44 10.88
C PRO D 214 5.28 -7.30 9.55
N PHE D 215 4.95 -6.07 9.14
CA PHE D 215 4.34 -5.74 7.86
C PHE D 215 5.40 -5.77 6.75
N ASN D 216 6.42 -4.89 6.83
CA ASN D 216 7.30 -4.70 5.70
C ASN D 216 8.71 -5.27 5.95
N ASN D 217 8.96 -5.84 7.14
CA ASN D 217 10.21 -6.54 7.43
C ASN D 217 11.41 -5.59 7.63
N ARG D 218 11.16 -4.27 7.67
CA ARG D 218 12.20 -3.27 7.89
C ARG D 218 12.43 -3.04 9.38
N TRP D 219 13.64 -2.58 9.70
CA TRP D 219 13.99 -2.08 11.02
C TRP D 219 13.68 -0.59 11.15
N TYR D 220 13.02 -0.24 12.27
CA TYR D 220 12.70 1.14 12.57
C TYR D 220 13.34 1.50 13.91
N GLN D 221 13.85 2.75 14.00
CA GLN D 221 14.40 3.29 15.24
C GLN D 221 13.26 3.96 15.99
N MET D 222 12.82 3.30 17.07
CA MET D 222 11.75 3.82 17.91
C MET D 222 12.32 4.72 19.00
N GLY D 223 13.54 4.41 19.48
CA GLY D 223 14.08 5.04 20.68
C GLY D 223 15.55 5.42 20.59
N ILE D 224 15.99 6.37 21.45
CA ILE D 224 17.40 6.66 21.65
C ILE D 224 17.69 6.36 23.13
N VAL D 225 18.73 5.54 23.37
CA VAL D 225 19.19 5.29 24.73
C VAL D 225 19.46 6.65 25.38
N SER D 226 18.76 6.89 26.48
CA SER D 226 18.85 8.17 27.16
C SER D 226 19.44 8.06 28.57
N TRP D 227 18.76 7.46 29.54
CA TRP D 227 19.31 7.34 30.89
C TRP D 227 18.64 6.18 31.65
N GLY D 228 19.20 5.80 32.80
CA GLY D 228 18.47 4.97 33.73
C GLY D 228 19.00 5.15 35.16
N GLU D 229 18.28 4.66 36.18
CA GLU D 229 18.87 4.66 37.51
C GLU D 229 19.79 3.46 37.66
N GLY D 230 21.08 3.74 37.44
CA GLY D 230 22.07 2.70 37.32
C GLY D 230 21.82 1.88 36.08
N CYS D 231 22.06 0.56 36.15
CA CYS D 231 21.98 -0.31 34.99
C CYS D 231 21.42 -1.66 35.43
N ASP D 232 20.25 -2.05 34.92
CA ASP D 232 19.74 -3.41 35.14
C ASP D 232 19.43 -3.60 36.63
N ARG D 233 18.95 -2.57 37.34
CA ARG D 233 18.49 -2.78 38.71
C ARG D 233 17.06 -3.29 38.74
N ASP D 234 16.73 -4.11 39.77
CA ASP D 234 15.38 -4.61 39.94
C ASP D 234 14.44 -3.46 40.19
N GLY D 235 13.36 -3.39 39.40
CA GLY D 235 12.35 -2.38 39.65
C GLY D 235 12.66 -1.05 38.96
N LYS D 236 13.77 -1.00 38.21
CA LYS D 236 14.11 0.16 37.39
C LYS D 236 14.08 -0.26 35.93
N TYR D 237 14.03 0.75 35.04
CA TYR D 237 13.94 0.53 33.61
C TYR D 237 14.86 1.55 32.92
N GLY D 238 15.28 1.21 31.70
CA GLY D 238 15.96 2.16 30.82
C GLY D 238 14.98 3.18 30.24
N PHE D 239 15.41 4.44 30.16
CA PHE D 239 14.59 5.46 29.54
C PHE D 239 15.15 5.81 28.16
N TYR D 240 14.22 5.95 27.20
CA TYR D 240 14.54 6.13 25.80
C TYR D 240 13.85 7.38 25.31
N THR D 241 14.56 8.18 24.50
CA THR D 241 13.93 9.24 23.73
C THR D 241 12.98 8.66 22.67
N HIS D 242 11.74 9.18 22.64
CA HIS D 242 10.67 8.72 21.78
C HIS D 242 10.83 9.43 20.42
N VAL D 243 11.42 8.71 19.46
CA VAL D 243 11.88 9.31 18.21
C VAL D 243 10.69 9.87 17.44
N PHE D 244 9.58 9.11 17.43
CA PHE D 244 8.43 9.54 16.65
C PHE D 244 7.89 10.88 17.17
N ARG D 245 7.74 11.03 18.49
CA ARG D 245 7.21 12.25 19.08
C ARG D 245 8.08 13.44 18.68
N LEU D 246 9.35 13.22 18.34
CA LEU D 246 10.18 14.38 18.09
C LEU D 246 10.53 14.45 16.61
N LYS D 247 9.86 13.60 15.81
CA LYS D 247 10.17 13.55 14.37
C LYS D 247 10.13 14.95 13.71
N LYS D 248 9.16 15.79 14.09
CA LYS D 248 8.95 17.05 13.40
C LYS D 248 10.20 17.93 13.52
N TRP D 249 10.85 17.82 14.67
CA TRP D 249 12.11 18.53 14.79
C TRP D 249 13.17 17.90 13.88
N ILE D 250 13.17 16.56 13.75
CA ILE D 250 14.15 15.87 12.93
C ILE D 250 14.01 16.35 11.49
N GLN D 251 12.76 16.34 11.01
CA GLN D 251 12.43 16.84 9.69
C GLN D 251 12.86 18.30 9.50
N LYS D 252 12.49 19.19 10.44
CA LYS D 252 12.77 20.61 10.28
C LYS D 252 14.26 20.85 10.07
N VAL D 253 15.11 20.05 10.76
CA VAL D 253 16.55 20.29 10.78
C VAL D 253 17.12 19.91 9.41
N ILE D 254 16.80 18.68 8.99
CA ILE D 254 17.23 18.05 7.76
C ILE D 254 16.73 18.86 6.55
N ASP D 255 15.63 19.61 6.74
CA ASP D 255 14.97 20.29 5.64
C ASP D 255 15.59 21.64 5.34
N GLN D 256 15.84 22.38 6.41
CA GLN D 256 16.60 23.61 6.35
C GLN D 256 18.05 23.35 5.94
N PHE D 257 18.68 22.30 6.50
CA PHE D 257 20.14 22.22 6.47
C PHE D 257 20.68 21.13 5.54
N GLY D 258 19.80 20.20 5.10
CA GLY D 258 20.23 19.03 4.34
C GLY D 258 20.45 19.34 2.86
N GLU E 6 -12.56 -31.55 7.25
N GLU E 6 -12.60 -31.56 7.34
CA GLU E 6 -13.64 -32.32 6.57
CA GLU E 6 -13.69 -32.33 6.66
C GLU E 6 -14.37 -31.37 5.60
C GLU E 6 -14.41 -31.38 5.69
N ALA E 7 -15.60 -30.96 5.96
CA ALA E 7 -16.41 -30.09 5.10
C ALA E 7 -15.85 -28.66 5.09
N ASP E 8 -14.66 -28.49 5.67
CA ASP E 8 -14.15 -27.18 6.05
C ASP E 8 -13.06 -26.74 5.07
N CYS E 9 -12.62 -27.67 4.20
CA CYS E 9 -11.33 -27.62 3.52
C CYS E 9 -11.17 -26.34 2.69
N GLY E 10 -9.94 -25.80 2.65
CA GLY E 10 -9.51 -24.80 1.68
C GLY E 10 -9.96 -23.39 2.07
N LEU E 11 -10.50 -23.24 3.28
CA LEU E 11 -10.92 -21.94 3.81
C LEU E 11 -10.00 -21.55 4.96
N ARG E 12 -9.26 -20.46 4.80
CA ARG E 12 -8.19 -20.20 5.75
C ARG E 12 -8.71 -19.39 6.92
N PRO E 13 -8.43 -19.81 8.17
CA PRO E 13 -8.82 -19.04 9.36
C PRO E 13 -8.44 -17.57 9.24
N LEU E 14 -7.19 -17.30 8.80
CA LEU E 14 -6.68 -15.94 8.82
C LEU E 14 -7.02 -15.18 7.54
N PHE E 15 -7.77 -15.79 6.63
CA PHE E 15 -8.06 -15.15 5.35
C PHE E 15 -9.55 -15.15 5.02
N GLU E 16 -10.02 -16.19 4.32
CA GLU E 16 -11.39 -16.27 3.86
C GLU E 16 -12.39 -16.23 5.00
N LYS E 17 -11.99 -16.69 6.19
CA LYS E 17 -12.90 -16.74 7.32
C LYS E 17 -13.01 -15.36 7.96
N LYS E 18 -12.01 -14.47 7.76
CA LYS E 18 -12.03 -13.13 8.32
C LYS E 18 -12.25 -12.06 7.25
N SER E 19 -12.76 -12.50 6.10
CA SER E 19 -13.04 -11.67 4.92
C SER E 19 -11.79 -10.88 4.58
N LEU E 20 -10.62 -11.52 4.68
CA LEU E 20 -9.34 -10.87 4.35
C LEU E 20 -8.72 -11.54 3.13
N GLU E 21 -7.92 -10.81 2.40
CA GLU E 21 -7.26 -11.38 1.20
C GLU E 21 -5.76 -11.38 1.38
N ASP E 22 -5.10 -12.31 0.67
CA ASP E 22 -3.62 -12.46 0.56
C ASP E 22 -3.09 -11.28 -0.21
N LYS E 23 -1.80 -11.02 -0.05
CA LYS E 23 -1.12 -9.91 -0.76
C LYS E 23 -0.99 -10.18 -2.27
N THR E 24 -1.05 -11.43 -2.71
CA THR E 24 -0.88 -11.79 -4.14
C THR E 24 -1.95 -12.74 -4.64
N GLU E 25 -3.08 -12.86 -3.98
CA GLU E 25 -4.06 -13.85 -4.44
C GLU E 25 -4.89 -13.31 -5.61
N ARG E 26 -4.86 -11.99 -5.81
CA ARG E 26 -5.56 -11.31 -6.92
C ARG E 26 -5.02 -11.84 -8.25
N GLU E 27 -3.71 -12.13 -8.33
CA GLU E 27 -3.10 -12.61 -9.59
C GLU E 27 -3.74 -13.93 -9.99
N LEU E 28 -4.17 -14.73 -9.04
CA LEU E 28 -4.81 -15.98 -9.47
C LEU E 28 -6.17 -15.63 -10.04
N LEU E 29 -6.87 -14.70 -9.40
CA LEU E 29 -8.20 -14.27 -9.88
C LEU E 29 -8.07 -13.66 -11.29
N GLU E 30 -7.13 -12.74 -11.46
CA GLU E 30 -6.89 -12.05 -12.76
C GLU E 30 -6.64 -13.04 -13.89
N SER E 31 -6.08 -14.22 -13.62
CA SER E 31 -5.74 -15.24 -14.65
C SER E 31 -6.96 -16.03 -15.11
N TYR E 32 -8.08 -15.88 -14.40
CA TYR E 32 -9.34 -16.52 -14.84
C TYR E 32 -9.98 -15.56 -15.83
N ILE E 33 -10.02 -14.29 -15.43
CA ILE E 33 -10.64 -13.17 -16.16
C ILE E 33 -9.83 -12.96 -17.45
N ASP E 34 -8.57 -12.56 -17.32
CA ASP E 34 -7.66 -12.37 -18.47
C ASP E 34 -7.69 -13.64 -19.35
N ILE F 1 11.97 -22.39 -3.53
CA ILE F 1 11.22 -21.43 -4.40
C ILE F 1 12.13 -20.30 -4.90
N VAL F 2 12.21 -20.20 -6.23
CA VAL F 2 12.98 -19.19 -6.92
C VAL F 2 11.99 -18.09 -7.28
N GLU F 3 12.39 -16.83 -7.01
CA GLU F 3 11.68 -15.60 -7.33
C GLU F 3 10.27 -15.56 -6.74
N GLY F 4 10.10 -16.04 -5.51
CA GLY F 4 8.85 -15.81 -4.80
C GLY F 4 9.06 -14.72 -3.74
N SER F 5 8.19 -14.74 -2.73
CA SER F 5 8.39 -13.85 -1.61
C SER F 5 7.96 -14.59 -0.35
N ASP F 6 8.28 -14.00 0.80
CA ASP F 6 7.89 -14.45 2.13
C ASP F 6 6.37 -14.62 2.15
N ALA F 7 5.90 -15.79 2.59
CA ALA F 7 4.47 -16.01 2.78
C ALA F 7 4.01 -15.16 3.96
N GLU F 8 2.75 -14.74 3.92
CA GLU F 8 2.14 -14.13 5.09
C GLU F 8 1.86 -15.26 6.08
N ILE F 9 1.84 -14.93 7.38
CA ILE F 9 1.51 -15.91 8.40
C ILE F 9 0.12 -16.49 8.11
N GLY F 10 0.02 -17.83 8.16
CA GLY F 10 -1.24 -18.54 8.04
C GLY F 10 -1.75 -18.54 6.59
N MET F 11 -0.86 -18.18 5.65
CA MET F 11 -1.25 -18.05 4.24
C MET F 11 -1.45 -19.45 3.62
N SER F 12 -0.71 -20.42 4.16
CA SER F 12 -0.65 -21.76 3.62
C SER F 12 -0.79 -22.78 4.74
N PRO F 13 -1.97 -22.85 5.41
CA PRO F 13 -2.12 -23.63 6.63
C PRO F 13 -2.11 -25.13 6.42
N TRP F 14 -2.15 -25.57 5.15
CA TRP F 14 -2.08 -26.97 4.79
C TRP F 14 -0.63 -27.40 4.56
N GLN F 15 0.29 -26.43 4.49
CA GLN F 15 1.70 -26.70 4.21
C GLN F 15 2.31 -27.64 5.27
N VAL F 16 3.02 -28.69 4.85
CA VAL F 16 3.60 -29.61 5.83
C VAL F 16 5.09 -29.72 5.49
N MET F 17 5.97 -29.62 6.52
CA MET F 17 7.39 -29.83 6.44
C MET F 17 7.67 -31.28 6.85
N LEU F 18 8.17 -32.04 5.88
CA LEU F 18 8.59 -33.41 6.11
C LEU F 18 10.04 -33.32 6.59
N PHE F 19 10.29 -33.88 7.79
CA PHE F 19 11.52 -33.58 8.49
C PHE F 19 12.22 -34.85 8.92
N ARG F 20 13.52 -34.90 8.63
N ARG F 20 13.52 -34.93 8.61
CA ARG F 20 14.38 -36.01 8.94
CA ARG F 20 14.40 -36.04 8.91
C ARG F 20 14.84 -35.89 10.39
C ARG F 20 14.87 -35.91 10.36
N LYS F 21 14.74 -37.01 11.12
CA LYS F 21 15.07 -37.00 12.54
C LYS F 21 16.59 -36.98 12.72
N SER F 22 17.30 -37.69 11.84
CA SER F 22 18.75 -37.84 11.95
C SER F 22 19.32 -38.07 10.56
N PRO F 23 20.02 -37.07 9.93
CA PRO F 23 20.24 -35.75 10.54
C PRO F 23 19.00 -34.88 10.64
N GLN F 24 19.00 -33.91 11.57
CA GLN F 24 17.86 -33.02 11.77
C GLN F 24 17.88 -31.98 10.66
N GLU F 25 16.90 -32.07 9.74
CA GLU F 25 17.05 -31.52 8.39
C GLU F 25 15.72 -31.65 7.64
N LEU F 26 15.33 -30.58 6.93
CA LEU F 26 14.24 -30.56 5.96
C LEU F 26 14.46 -31.67 4.93
N LEU F 27 13.37 -32.41 4.65
CA LEU F 27 13.39 -33.45 3.63
C LEU F 27 12.66 -32.99 2.38
N CYS F 28 11.44 -32.51 2.56
CA CYS F 28 10.48 -32.29 1.50
C CYS F 28 9.30 -31.52 2.08
N GLY F 29 8.54 -30.89 1.16
CA GLY F 29 7.24 -30.35 1.46
C GLY F 29 6.16 -31.43 1.45
N ALA F 30 4.96 -31.00 1.84
CA ALA F 30 3.83 -31.89 1.88
C ALA F 30 2.60 -31.03 2.16
N SER F 31 1.43 -31.68 2.29
CA SER F 31 0.17 -30.98 2.46
C SER F 31 -0.78 -31.78 3.35
N LEU F 32 -1.56 -31.03 4.14
CA LEU F 32 -2.56 -31.62 5.02
C LEU F 32 -3.89 -31.72 4.27
N ILE F 33 -4.40 -32.94 4.11
CA ILE F 33 -5.66 -33.13 3.39
C ILE F 33 -6.78 -33.51 4.36
N SER F 34 -6.45 -33.89 5.58
CA SER F 34 -7.45 -34.11 6.66
C SER F 34 -6.72 -34.06 8.00
N ASP F 35 -7.43 -34.44 9.05
CA ASP F 35 -6.80 -34.39 10.38
C ASP F 35 -5.83 -35.56 10.55
N ARG F 36 -5.82 -36.69 9.76
CA ARG F 36 -4.87 -37.82 9.89
C ARG F 36 -4.05 -38.07 8.61
N TRP F 37 -4.27 -37.31 7.48
CA TRP F 37 -3.65 -37.68 6.20
C TRP F 37 -2.84 -36.53 5.60
N VAL F 38 -1.59 -36.84 5.24
CA VAL F 38 -0.67 -35.90 4.62
C VAL F 38 -0.28 -36.49 3.26
N LEU F 39 -0.19 -35.60 2.27
CA LEU F 39 0.07 -35.95 0.87
C LEU F 39 1.44 -35.42 0.46
N THR F 40 2.23 -36.27 -0.21
CA THR F 40 3.54 -35.83 -0.67
C THR F 40 3.90 -36.54 -1.98
N ALA F 41 5.11 -36.24 -2.47
CA ALA F 41 5.73 -36.97 -3.57
C ALA F 41 6.38 -38.28 -3.08
N ALA F 42 6.17 -39.36 -3.82
CA ALA F 42 6.78 -40.64 -3.50
C ALA F 42 8.32 -40.57 -3.47
N HIS F 43 8.90 -39.76 -4.35
CA HIS F 43 10.36 -39.73 -4.42
C HIS F 43 10.95 -39.07 -3.17
N CYS F 44 10.12 -38.45 -2.33
CA CYS F 44 10.63 -37.89 -1.10
C CYS F 44 10.91 -39.03 -0.12
N LEU F 45 10.23 -40.16 -0.30
CA LEU F 45 10.26 -41.25 0.67
C LEU F 45 10.98 -42.49 0.12
N LEU F 46 10.88 -42.70 -1.21
CA LEU F 46 11.42 -43.88 -1.86
C LEU F 46 12.11 -43.47 -3.17
N TYR F 47 13.42 -43.68 -3.20
CA TYR F 47 14.16 -43.49 -4.45
C TYR F 47 15.41 -44.35 -4.38
N PRO F 48 15.28 -45.63 -4.81
CA PRO F 48 16.37 -46.59 -4.63
C PRO F 48 17.69 -46.17 -5.29
N PRO F 49 17.70 -45.48 -6.45
CA PRO F 49 18.95 -45.06 -7.07
C PRO F 49 19.83 -44.23 -6.16
N TRP F 50 19.24 -43.45 -5.24
CA TRP F 50 20.01 -42.60 -4.32
C TRP F 50 19.98 -43.21 -2.93
N ASP F 51 19.65 -44.50 -2.86
CA ASP F 51 19.54 -45.21 -1.59
C ASP F 51 18.54 -44.53 -0.64
N LYS F 52 17.50 -43.87 -1.17
CA LYS F 52 16.52 -43.21 -0.33
C LYS F 52 15.42 -44.25 -0.06
N ASN F 53 15.26 -44.67 1.20
CA ASN F 53 14.14 -45.52 1.57
C ASN F 53 13.66 -45.18 3.00
N PHE F 54 12.95 -44.07 3.18
CA PHE F 54 12.55 -43.68 4.52
C PHE F 54 11.39 -44.55 5.02
N THR F 55 11.49 -45.14 6.22
CA THR F 55 10.35 -45.73 6.89
C THR F 55 9.73 -44.76 7.90
N GLU F 56 8.66 -45.18 8.58
CA GLU F 56 7.77 -44.30 9.33
C GLU F 56 8.52 -43.56 10.44
N ASN F 57 9.45 -44.28 11.06
CA ASN F 57 10.16 -43.84 12.26
C ASN F 57 11.26 -42.85 11.93
N ASP F 58 11.64 -42.76 10.64
CA ASP F 58 12.76 -41.94 10.21
C ASP F 58 12.38 -40.47 10.18
N LEU F 59 11.06 -40.15 10.10
CA LEU F 59 10.63 -38.79 9.74
C LEU F 59 9.64 -38.25 10.75
N LEU F 60 9.50 -36.92 10.79
CA LEU F 60 8.30 -36.34 11.34
C LEU F 60 7.66 -35.40 10.33
N VAL F 61 6.37 -35.09 10.53
CA VAL F 61 5.75 -33.99 9.81
C VAL F 61 5.56 -32.81 10.76
N ARG F 62 5.92 -31.64 10.26
CA ARG F 62 5.82 -30.41 11.00
C ARG F 62 4.75 -29.57 10.31
N ILE F 63 3.71 -29.27 11.08
CA ILE F 63 2.53 -28.61 10.55
C ILE F 63 2.38 -27.24 11.20
N GLY F 64 1.83 -26.29 10.42
CA GLY F 64 1.63 -24.93 10.88
C GLY F 64 2.91 -24.11 10.98
N LYS F 65 3.96 -24.50 10.24
CA LYS F 65 5.25 -23.81 10.38
C LYS F 65 5.24 -22.51 9.55
N HIS F 66 6.11 -21.58 9.94
CA HIS F 66 6.39 -20.39 9.14
C HIS F 66 7.88 -20.31 8.86
N SER F 67 8.70 -20.22 9.90
CA SER F 67 10.16 -20.28 9.82
C SER F 67 10.58 -21.68 9.39
N ARG F 68 11.78 -21.78 8.80
CA ARG F 68 12.33 -23.03 8.34
C ARG F 68 13.07 -23.73 9.48
N THR F 69 13.78 -22.95 10.28
CA THR F 69 14.75 -23.41 11.30
C THR F 69 14.27 -23.37 12.74
N ARG F 70 13.44 -22.41 13.11
CA ARG F 70 13.10 -22.33 14.55
C ARG F 70 12.00 -23.34 14.86
N TYR F 71 11.96 -23.86 16.09
CA TYR F 71 10.79 -24.63 16.54
C TYR F 71 9.86 -23.54 17.04
N GLU F 72 8.62 -23.56 16.58
CA GLU F 72 7.72 -22.44 16.76
C GLU F 72 6.68 -22.88 17.80
N ARG F 73 7.08 -22.83 19.08
CA ARG F 73 6.30 -23.25 20.24
C ARG F 73 4.88 -22.69 20.15
N ASN F 74 3.87 -23.55 20.39
CA ASN F 74 2.46 -23.22 20.42
C ASN F 74 2.00 -22.54 19.11
N ILE F 75 2.56 -22.98 17.98
CA ILE F 75 2.02 -22.67 16.66
C ILE F 75 2.09 -23.96 15.85
N GLU F 76 3.31 -24.51 15.78
CA GLU F 76 3.53 -25.70 15.00
C GLU F 76 3.14 -26.94 15.80
N LYS F 77 2.67 -27.97 15.09
CA LYS F 77 2.40 -29.26 15.69
C LYS F 77 3.28 -30.27 14.99
N ILE F 78 3.86 -31.19 15.77
CA ILE F 78 4.66 -32.22 15.14
C ILE F 78 3.90 -33.53 15.29
N SER F 79 3.83 -34.35 14.22
CA SER F 79 3.12 -35.61 14.30
C SER F 79 4.06 -36.75 13.95
N MET F 80 3.76 -37.92 14.52
CA MET F 80 4.51 -39.18 14.24
C MET F 80 3.77 -39.90 13.11
N LEU F 81 4.49 -40.64 12.27
CA LEU F 81 3.89 -41.34 11.14
C LEU F 81 3.41 -42.72 11.57
N GLU F 82 2.19 -43.09 11.18
CA GLU F 82 1.73 -44.43 11.48
C GLU F 82 2.15 -45.35 10.36
N LYS F 83 1.88 -44.92 9.11
CA LYS F 83 2.15 -45.75 7.96
C LYS F 83 2.32 -44.86 6.74
N ILE F 84 3.18 -45.33 5.82
CA ILE F 84 3.47 -44.69 4.55
C ILE F 84 2.83 -45.54 3.45
N TYR F 85 2.12 -44.90 2.51
CA TYR F 85 1.66 -45.55 1.30
C TYR F 85 2.21 -44.84 0.08
N ILE F 86 2.88 -45.64 -0.77
CA ILE F 86 3.45 -45.18 -2.02
C ILE F 86 2.63 -45.82 -3.13
N HIS F 87 2.30 -45.02 -4.14
CA HIS F 87 1.55 -45.50 -5.30
C HIS F 87 2.26 -46.74 -5.85
N PRO F 88 1.54 -47.87 -6.04
CA PRO F 88 2.16 -49.11 -6.51
C PRO F 88 2.77 -49.04 -7.91
N ARG F 89 2.44 -47.99 -8.68
CA ARG F 89 2.91 -47.87 -10.06
C ARG F 89 3.81 -46.65 -10.16
N TYR F 90 4.31 -46.16 -9.02
CA TYR F 90 5.25 -45.04 -9.00
C TYR F 90 6.50 -45.45 -9.76
N ASN F 91 6.91 -44.64 -10.72
CA ASN F 91 7.92 -45.14 -11.63
C ASN F 91 9.27 -44.45 -11.37
N TRP F 92 10.06 -45.00 -10.46
CA TRP F 92 11.32 -44.39 -10.13
C TRP F 92 12.43 -44.79 -11.11
N ARG F 93 12.21 -45.82 -11.93
CA ARG F 93 13.22 -46.27 -12.89
C ARG F 93 13.38 -45.29 -14.06
N GLU F 94 12.30 -44.59 -14.43
CA GLU F 94 12.29 -43.75 -15.62
C GLU F 94 11.94 -42.30 -15.25
N ASN F 95 10.66 -41.96 -15.08
CA ASN F 95 10.29 -40.56 -15.21
C ASN F 95 9.55 -40.01 -13.98
N LEU F 96 9.63 -40.73 -12.85
CA LEU F 96 8.90 -40.36 -11.65
C LEU F 96 7.40 -40.31 -11.95
N ASP F 97 6.92 -41.14 -12.87
CA ASP F 97 5.47 -41.18 -13.13
C ASP F 97 4.75 -41.70 -11.88
N ARG F 98 3.65 -41.06 -11.52
CA ARG F 98 2.81 -41.36 -10.33
C ARG F 98 3.62 -41.01 -9.07
N ASP F 99 4.25 -39.84 -9.08
CA ASP F 99 5.08 -39.35 -7.97
C ASP F 99 4.13 -38.93 -6.85
N ILE F 100 3.62 -39.91 -6.11
CA ILE F 100 2.61 -39.57 -5.12
C ILE F 100 2.68 -40.52 -3.92
N ALA F 101 2.55 -39.96 -2.71
CA ALA F 101 2.42 -40.83 -1.56
C ALA F 101 1.54 -40.18 -0.51
N LEU F 102 1.12 -41.03 0.42
CA LEU F 102 0.30 -40.64 1.53
C LEU F 102 0.95 -41.08 2.83
N MET F 103 0.77 -40.26 3.86
CA MET F 103 1.21 -40.59 5.21
C MET F 103 0.05 -40.39 6.19
N LYS F 104 -0.25 -41.46 6.91
CA LYS F 104 -1.28 -41.44 7.94
C LYS F 104 -0.60 -41.13 9.26
N LEU F 105 -1.14 -40.11 9.96
CA LEU F 105 -0.61 -39.60 11.21
C LEU F 105 -1.02 -40.53 12.35
N LYS F 106 -0.19 -40.59 13.39
CA LYS F 106 -0.45 -41.45 14.57
C LYS F 106 -1.72 -40.97 15.28
N LYS F 107 -1.74 -39.71 15.72
CA LYS F 107 -2.92 -39.12 16.42
C LYS F 107 -3.48 -37.96 15.60
N PRO F 108 -4.82 -37.77 15.53
CA PRO F 108 -5.41 -36.66 14.76
C PRO F 108 -4.78 -35.31 15.15
N VAL F 109 -4.43 -34.50 14.15
CA VAL F 109 -3.82 -33.16 14.39
C VAL F 109 -4.93 -32.16 14.68
N ALA F 110 -4.71 -31.27 15.67
CA ALA F 110 -5.69 -30.26 16.04
C ALA F 110 -5.62 -29.07 15.09
N PHE F 111 -6.70 -28.85 14.33
CA PHE F 111 -6.75 -27.72 13.36
C PHE F 111 -6.73 -26.39 14.12
N SER F 112 -5.84 -25.48 13.72
CA SER F 112 -5.72 -24.16 14.39
C SER F 112 -5.70 -23.05 13.33
N ASP F 113 -5.38 -21.82 13.75
CA ASP F 113 -5.33 -20.65 12.83
C ASP F 113 -4.08 -20.76 11.94
N TYR F 114 -3.22 -21.75 12.23
CA TYR F 114 -2.00 -21.96 11.46
C TYR F 114 -2.03 -23.29 10.73
N ILE F 115 -3.09 -24.06 10.98
CA ILE F 115 -3.12 -25.46 10.60
C ILE F 115 -4.55 -25.76 10.18
N HIS F 116 -4.73 -26.05 8.88
CA HIS F 116 -6.02 -26.29 8.25
C HIS F 116 -5.81 -27.05 6.94
N PRO F 117 -6.66 -28.05 6.59
CA PRO F 117 -6.45 -28.87 5.40
C PRO F 117 -6.87 -28.19 4.11
N VAL F 118 -6.29 -28.64 3.00
CA VAL F 118 -6.63 -28.11 1.69
C VAL F 118 -7.66 -29.07 1.09
N CYS F 119 -8.45 -28.61 0.10
CA CYS F 119 -9.41 -29.48 -0.57
C CYS F 119 -8.74 -30.24 -1.72
N LEU F 120 -9.24 -31.44 -2.00
CA LEU F 120 -8.84 -32.15 -3.21
C LEU F 120 -9.93 -31.94 -4.25
N PRO F 121 -9.57 -31.57 -5.50
CA PRO F 121 -10.57 -31.29 -6.54
C PRO F 121 -11.36 -32.54 -6.97
N ASP F 122 -12.57 -32.27 -7.48
CA ASP F 122 -13.41 -33.24 -8.16
C ASP F 122 -13.35 -33.02 -9.67
N ARG F 123 -14.10 -33.85 -10.43
CA ARG F 123 -14.08 -33.82 -11.89
C ARG F 123 -14.47 -32.44 -12.43
N GLU F 124 -15.33 -31.70 -11.72
CA GLU F 124 -15.75 -30.41 -12.26
C GLU F 124 -14.68 -29.36 -12.04
N THR F 125 -14.23 -29.25 -10.78
CA THR F 125 -13.23 -28.29 -10.35
C THR F 125 -11.96 -28.43 -11.19
N ALA F 126 -11.59 -29.69 -11.47
CA ALA F 126 -10.44 -30.05 -12.27
C ALA F 126 -10.70 -29.70 -13.75
N ALA F 127 -11.93 -29.98 -14.21
CA ALA F 127 -12.33 -29.61 -15.55
C ALA F 127 -12.15 -28.11 -15.72
N SER F 128 -12.66 -27.32 -14.78
CA SER F 128 -12.68 -25.86 -14.93
C SER F 128 -11.26 -25.26 -14.89
N LEU F 129 -10.54 -25.54 -13.79
CA LEU F 129 -9.37 -24.77 -13.36
C LEU F 129 -8.08 -25.21 -14.04
N LEU F 130 -7.96 -26.50 -14.38
CA LEU F 130 -6.75 -26.97 -15.05
C LEU F 130 -6.70 -26.48 -16.49
N GLN F 131 -6.41 -25.17 -16.66
CA GLN F 131 -6.31 -24.61 -18.00
C GLN F 131 -5.02 -23.80 -18.23
N ALA F 132 -4.44 -23.99 -19.42
CA ALA F 132 -3.29 -23.22 -19.87
C ALA F 132 -3.49 -21.72 -19.61
N GLY F 133 -2.46 -21.07 -19.07
CA GLY F 133 -2.44 -19.66 -18.71
C GLY F 133 -3.10 -19.39 -17.36
N TYR F 134 -3.81 -20.41 -16.83
CA TYR F 134 -4.35 -20.33 -15.48
C TYR F 134 -3.20 -20.50 -14.47
N LYS F 135 -3.24 -19.69 -13.40
CA LYS F 135 -2.18 -19.69 -12.40
C LYS F 135 -2.63 -20.41 -11.12
N GLY F 136 -1.76 -21.35 -10.67
CA GLY F 136 -1.72 -21.94 -9.34
C GLY F 136 -0.61 -21.34 -8.48
N ARG F 137 -0.49 -21.85 -7.24
CA ARG F 137 0.42 -21.28 -6.25
C ARG F 137 1.27 -22.42 -5.70
N VAL F 138 2.58 -22.21 -5.61
CA VAL F 138 3.50 -23.17 -5.04
C VAL F 138 4.17 -22.57 -3.81
N THR F 139 4.40 -23.43 -2.80
CA THR F 139 4.96 -23.06 -1.50
C THR F 139 5.97 -24.09 -1.02
N GLY F 140 7.02 -23.55 -0.38
CA GLY F 140 7.86 -24.41 0.45
C GLY F 140 9.12 -23.69 0.92
N TRP F 141 10.02 -24.47 1.50
CA TRP F 141 11.22 -23.96 2.12
C TRP F 141 12.44 -24.34 1.29
N GLY F 142 12.24 -24.64 0.00
CA GLY F 142 13.35 -25.12 -0.81
C GLY F 142 14.30 -23.97 -1.10
N ASN F 143 15.32 -24.21 -1.94
CA ASN F 143 16.32 -23.19 -2.23
C ASN F 143 15.78 -22.06 -3.11
N LEU F 144 16.50 -20.94 -3.08
CA LEU F 144 16.09 -19.70 -3.69
C LEU F 144 16.73 -19.56 -5.06
N LYS F 145 17.78 -20.35 -5.29
CA LYS F 145 18.38 -20.41 -6.61
C LYS F 145 18.79 -21.85 -6.84
N GLU F 146 18.93 -22.23 -8.11
CA GLU F 146 19.53 -23.49 -8.50
C GLU F 146 20.96 -23.60 -7.96
N THR F 147 21.77 -22.56 -8.12
CA THR F 147 23.19 -22.71 -7.79
C THR F 147 23.63 -21.55 -6.89
N VAL F 152 28.21 -14.88 -1.27
CA VAL F 152 27.22 -16.00 -1.39
C VAL F 152 25.87 -15.50 -0.89
N GLY F 153 25.07 -14.95 -1.81
CA GLY F 153 23.77 -14.38 -1.50
C GLY F 153 22.75 -15.42 -1.05
N LYS F 154 21.79 -15.74 -1.93
CA LYS F 154 20.65 -16.56 -1.57
C LYS F 154 21.03 -18.05 -1.64
N GLY F 155 20.59 -18.82 -0.62
CA GLY F 155 20.53 -20.28 -0.59
C GLY F 155 19.15 -20.50 0.04
N GLN F 156 19.13 -20.97 1.30
CA GLN F 156 17.89 -21.37 1.94
C GLN F 156 17.19 -20.19 2.60
N PRO F 157 15.85 -20.12 2.57
CA PRO F 157 15.16 -18.96 3.11
C PRO F 157 14.86 -19.15 4.60
N SER F 158 14.66 -18.03 5.29
CA SER F 158 14.35 -18.05 6.72
C SER F 158 12.91 -18.52 6.94
N VAL F 159 11.98 -18.11 6.08
CA VAL F 159 10.56 -18.43 6.19
C VAL F 159 10.08 -19.10 4.90
N LEU F 160 8.89 -19.71 4.98
CA LEU F 160 8.10 -20.26 3.87
C LEU F 160 8.07 -19.30 2.69
N GLN F 161 8.26 -19.84 1.48
CA GLN F 161 8.27 -19.04 0.26
C GLN F 161 6.99 -19.34 -0.52
N VAL F 162 6.45 -18.30 -1.19
CA VAL F 162 5.34 -18.45 -2.11
C VAL F 162 5.61 -17.83 -3.50
N VAL F 163 5.05 -18.44 -4.55
CA VAL F 163 5.12 -17.94 -5.91
C VAL F 163 3.89 -18.44 -6.67
N ASN F 164 3.36 -17.56 -7.52
CA ASN F 164 2.31 -17.93 -8.47
C ASN F 164 2.92 -18.19 -9.85
N LEU F 165 2.46 -19.25 -10.52
CA LEU F 165 2.99 -19.65 -11.81
C LEU F 165 1.85 -20.09 -12.70
N PRO F 166 1.92 -19.81 -14.03
CA PRO F 166 0.91 -20.27 -14.98
C PRO F 166 1.11 -21.70 -15.43
N ILE F 167 -0.02 -22.43 -15.46
CA ILE F 167 -0.10 -23.71 -16.16
C ILE F 167 0.24 -23.48 -17.62
N VAL F 168 0.79 -24.53 -18.25
CA VAL F 168 1.36 -24.46 -19.58
C VAL F 168 0.80 -25.65 -20.37
N GLU F 169 0.54 -25.48 -21.68
CA GLU F 169 -0.06 -26.49 -22.54
C GLU F 169 0.86 -27.68 -22.70
N ARG F 170 0.26 -28.88 -22.73
N ARG F 170 0.26 -28.88 -22.73
CA ARG F 170 0.99 -30.14 -22.76
CA ARG F 170 1.00 -30.14 -22.76
C ARG F 170 2.03 -30.19 -23.88
C ARG F 170 2.03 -30.19 -23.88
N PRO F 171 1.71 -29.72 -25.13
CA PRO F 171 2.68 -29.77 -26.22
C PRO F 171 3.96 -28.99 -25.90
N VAL F 172 3.82 -27.83 -25.27
CA VAL F 172 4.97 -27.05 -24.79
C VAL F 172 5.71 -27.80 -23.68
N CYS F 173 4.96 -28.39 -22.74
CA CYS F 173 5.61 -29.13 -21.66
C CYS F 173 6.50 -30.21 -22.24
N LYS F 174 5.98 -30.94 -23.22
CA LYS F 174 6.65 -32.10 -23.79
C LYS F 174 7.87 -31.63 -24.59
N ASP F 175 7.75 -30.45 -25.22
CA ASP F 175 8.80 -29.94 -26.07
C ASP F 175 9.97 -29.38 -25.27
N SER F 176 9.81 -29.26 -23.95
CA SER F 176 10.78 -28.56 -23.11
C SER F 176 11.79 -29.52 -22.49
N THR F 177 11.56 -30.84 -22.65
CA THR F 177 12.38 -31.85 -22.01
C THR F 177 12.41 -33.11 -22.87
N ARG F 178 13.49 -33.88 -22.69
CA ARG F 178 13.67 -35.17 -23.41
C ARG F 178 12.92 -36.26 -22.62
N ILE F 179 12.64 -35.99 -21.34
CA ILE F 179 11.93 -36.94 -20.49
C ILE F 179 10.51 -37.18 -21.03
N ARG F 180 10.07 -38.42 -20.91
CA ARG F 180 8.69 -38.81 -21.30
C ARG F 180 7.74 -38.23 -20.26
N ILE F 181 6.93 -37.28 -20.67
CA ILE F 181 5.91 -36.65 -19.78
C ILE F 181 4.60 -37.43 -19.90
N THR F 182 4.01 -37.86 -18.80
CA THR F 182 2.80 -38.69 -18.88
C THR F 182 1.58 -37.85 -18.56
N ASP F 183 0.40 -38.49 -18.60
CA ASP F 183 -0.89 -37.83 -18.35
C ASP F 183 -1.09 -37.55 -16.85
N ASN F 184 -0.22 -38.13 -16.02
CA ASN F 184 -0.23 -37.98 -14.56
C ASN F 184 0.62 -36.77 -14.13
N MET F 185 1.07 -35.97 -15.10
CA MET F 185 1.93 -34.84 -14.82
C MET F 185 1.40 -33.64 -15.56
N PHE F 186 1.64 -32.44 -15.06
CA PHE F 186 1.42 -31.25 -15.86
C PHE F 186 2.58 -30.31 -15.57
N CYS F 187 2.78 -29.29 -16.40
CA CYS F 187 3.92 -28.42 -16.14
C CYS F 187 3.41 -27.00 -15.99
N ALA F 188 4.26 -26.14 -15.41
CA ALA F 188 3.86 -24.82 -15.02
C ALA F 188 5.11 -23.98 -14.98
N GLY F 189 4.91 -22.64 -15.07
CA GLY F 189 5.96 -21.64 -15.10
C GLY F 189 5.82 -20.80 -16.36
N TYR F 190 6.59 -19.72 -16.39
CA TYR F 190 6.50 -18.73 -17.44
C TYR F 190 7.29 -19.24 -18.64
N LYS F 191 6.84 -18.80 -19.81
CA LYS F 191 7.59 -18.95 -21.05
C LYS F 191 8.69 -17.88 -21.07
N PRO F 192 9.87 -18.14 -21.69
CA PRO F 192 10.97 -17.16 -21.69
C PRO F 192 10.48 -15.75 -22.04
N ASP F 193 9.53 -15.71 -22.98
CA ASP F 193 9.13 -14.46 -23.60
C ASP F 193 8.12 -13.71 -22.72
N GLU F 194 7.78 -14.27 -21.55
CA GLU F 194 6.84 -13.57 -20.68
C GLU F 194 7.56 -12.62 -19.75
N GLY F 195 8.90 -12.74 -19.68
CA GLY F 195 9.68 -11.84 -18.85
C GLY F 195 9.15 -11.69 -17.42
N LYS F 196 8.34 -12.65 -16.96
CA LYS F 196 8.21 -12.97 -15.55
C LYS F 196 8.81 -14.35 -15.32
N ARG F 197 9.28 -14.62 -14.11
CA ARG F 197 9.92 -15.90 -13.90
C ARG F 197 9.52 -16.43 -12.52
N GLY F 198 10.13 -17.55 -12.10
CA GLY F 198 9.78 -18.16 -10.83
C GLY F 198 9.59 -19.67 -11.00
N ASP F 199 9.84 -20.41 -9.92
CA ASP F 199 9.90 -21.86 -10.00
C ASP F 199 10.05 -22.45 -8.60
N ALA F 200 9.62 -23.71 -8.44
CA ALA F 200 10.08 -24.52 -7.34
C ALA F 200 11.57 -24.80 -7.52
N CYS F 201 12.22 -25.23 -6.44
CA CYS F 201 13.60 -25.68 -6.51
C CYS F 201 13.79 -26.83 -5.50
N GLU F 202 15.06 -27.23 -5.29
CA GLU F 202 15.33 -28.37 -4.43
C GLU F 202 14.91 -28.09 -2.99
N GLY F 203 14.24 -29.08 -2.37
CA GLY F 203 13.66 -28.93 -1.06
C GLY F 203 12.16 -28.61 -1.12
N ASP F 204 11.65 -28.17 -2.29
CA ASP F 204 10.23 -27.89 -2.46
C ASP F 204 9.43 -29.11 -2.88
N SER F 205 10.07 -30.15 -3.44
CA SER F 205 9.43 -31.43 -3.77
C SER F 205 8.45 -31.87 -2.68
N GLY F 206 7.26 -32.30 -3.10
CA GLY F 206 6.28 -32.88 -2.21
C GLY F 206 5.19 -31.87 -1.87
N GLY F 207 5.58 -30.59 -1.94
CA GLY F 207 4.77 -29.44 -1.63
C GLY F 207 3.58 -29.25 -2.58
N PRO F 208 2.59 -28.43 -2.17
CA PRO F 208 1.31 -28.34 -2.89
C PRO F 208 1.34 -27.26 -3.97
N PHE F 209 0.82 -27.59 -5.14
CA PHE F 209 0.45 -26.61 -6.15
C PHE F 209 -1.06 -26.41 -6.03
N VAL F 210 -1.47 -25.23 -5.56
CA VAL F 210 -2.87 -25.04 -5.19
C VAL F 210 -3.54 -23.95 -6.02
N MET F 211 -4.87 -24.06 -6.18
CA MET F 211 -5.66 -23.09 -6.92
C MET F 211 -6.90 -22.68 -6.12
N LYS F 212 -7.21 -21.39 -6.16
CA LYS F 212 -8.39 -20.90 -5.46
C LYS F 212 -9.56 -20.86 -6.43
N SER F 213 -10.58 -21.60 -6.08
CA SER F 213 -11.78 -21.71 -6.93
C SER F 213 -12.50 -20.35 -7.00
N PRO F 214 -12.96 -19.91 -8.18
CA PRO F 214 -13.74 -18.68 -8.26
C PRO F 214 -15.19 -19.00 -7.87
N PHE F 215 -15.58 -20.27 -7.96
CA PHE F 215 -16.95 -20.75 -7.65
C PHE F 215 -17.25 -20.94 -6.16
N ASN F 216 -16.26 -21.02 -5.27
CA ASN F 216 -16.59 -21.21 -3.83
C ASN F 216 -15.49 -20.65 -2.92
N ASN F 217 -14.57 -19.85 -3.46
CA ASN F 217 -13.49 -19.23 -2.66
C ASN F 217 -12.65 -20.27 -1.90
N ARG F 218 -12.71 -21.52 -2.27
CA ARG F 218 -11.93 -22.55 -1.62
C ARG F 218 -10.65 -22.88 -2.40
N TRP F 219 -9.63 -23.21 -1.62
CA TRP F 219 -8.34 -23.67 -2.12
C TRP F 219 -8.33 -25.15 -2.39
N TYR F 220 -7.89 -25.49 -3.61
CA TYR F 220 -7.83 -26.84 -4.09
C TYR F 220 -6.38 -27.18 -4.43
N GLN F 221 -5.95 -28.37 -4.01
CA GLN F 221 -4.60 -28.81 -4.35
C GLN F 221 -4.71 -29.53 -5.70
N MET F 222 -4.16 -28.91 -6.76
CA MET F 222 -4.20 -29.50 -8.11
C MET F 222 -2.94 -30.34 -8.39
N GLY F 223 -1.80 -29.94 -7.80
CA GLY F 223 -0.54 -30.60 -8.15
C GLY F 223 0.38 -30.83 -6.95
N ILE F 224 1.37 -31.71 -7.12
CA ILE F 224 2.43 -31.92 -6.14
C ILE F 224 3.76 -31.62 -6.81
N VAL F 225 4.58 -30.80 -6.18
CA VAL F 225 5.89 -30.54 -6.75
C VAL F 225 6.62 -31.87 -6.95
N SER F 226 7.05 -32.11 -8.20
CA SER F 226 7.73 -33.35 -8.51
C SER F 226 9.17 -33.07 -8.95
N TRP F 227 9.38 -32.41 -10.09
CA TRP F 227 10.76 -32.32 -10.54
C TRP F 227 10.85 -31.27 -11.63
N GLY F 228 12.09 -30.87 -11.96
CA GLY F 228 12.33 -29.88 -13.00
C GLY F 228 13.77 -30.01 -13.48
N GLU F 229 14.04 -29.60 -14.71
CA GLU F 229 15.40 -29.48 -15.20
C GLU F 229 16.04 -28.27 -14.53
N GLY F 230 16.66 -28.51 -13.36
CA GLY F 230 17.22 -27.40 -12.59
C GLY F 230 16.09 -26.59 -11.95
N CYS F 231 16.31 -25.26 -11.81
CA CYS F 231 15.29 -24.43 -11.20
C CYS F 231 15.26 -23.10 -11.94
N ASP F 232 14.08 -22.72 -12.42
CA ASP F 232 13.84 -21.43 -13.06
C ASP F 232 14.73 -21.21 -14.29
N ARG F 233 15.04 -22.26 -15.08
CA ARG F 233 15.77 -22.04 -16.33
C ARG F 233 14.82 -21.62 -17.45
N ASP F 234 15.31 -20.85 -18.44
CA ASP F 234 14.47 -20.45 -19.56
C ASP F 234 14.26 -21.66 -20.46
N GLY F 235 13.00 -21.90 -20.83
CA GLY F 235 12.58 -22.96 -21.72
C GLY F 235 12.35 -24.26 -20.97
N LYS F 236 12.42 -24.18 -19.64
CA LYS F 236 12.11 -25.28 -18.75
C LYS F 236 10.92 -24.88 -17.88
N TYR F 237 10.24 -25.90 -17.36
CA TYR F 237 9.07 -25.75 -16.53
C TYR F 237 9.15 -26.74 -15.35
N GLY F 238 8.37 -26.44 -14.30
CA GLY F 238 8.19 -27.37 -13.20
C GLY F 238 7.19 -28.45 -13.59
N PHE F 239 7.50 -29.70 -13.23
CA PHE F 239 6.62 -30.84 -13.37
C PHE F 239 5.95 -31.15 -12.04
N TYR F 240 4.61 -31.32 -12.11
CA TYR F 240 3.72 -31.51 -10.98
C TYR F 240 2.93 -32.80 -11.18
N THR F 241 2.90 -33.64 -10.15
CA THR F 241 1.95 -34.74 -10.10
C THR F 241 0.52 -34.18 -10.20
N HIS F 242 -0.26 -34.78 -11.13
CA HIS F 242 -1.63 -34.38 -11.42
C HIS F 242 -2.55 -35.01 -10.37
N VAL F 243 -2.94 -34.25 -9.34
CA VAL F 243 -3.62 -34.83 -8.20
C VAL F 243 -4.94 -35.51 -8.63
N PHE F 244 -5.69 -34.84 -9.52
CA PHE F 244 -7.03 -35.34 -9.78
C PHE F 244 -6.95 -36.70 -10.47
N ARG F 245 -5.94 -36.86 -11.33
CA ARG F 245 -5.79 -38.06 -12.11
C ARG F 245 -5.51 -39.26 -11.22
N LEU F 246 -5.04 -39.01 -10.00
CA LEU F 246 -4.59 -40.08 -9.15
C LEU F 246 -5.50 -40.20 -7.92
N LYS F 247 -6.66 -39.53 -7.97
CA LYS F 247 -7.59 -39.43 -6.87
C LYS F 247 -8.18 -40.79 -6.52
N LYS F 248 -8.44 -41.61 -7.54
CA LYS F 248 -8.98 -42.92 -7.25
C LYS F 248 -8.04 -43.69 -6.32
N TRP F 249 -6.73 -43.60 -6.60
CA TRP F 249 -5.71 -44.15 -5.71
C TRP F 249 -5.74 -43.48 -4.31
N ILE F 250 -5.87 -42.16 -4.25
CA ILE F 250 -5.94 -41.52 -2.96
C ILE F 250 -7.13 -42.12 -2.20
N GLN F 251 -8.30 -42.09 -2.87
CA GLN F 251 -9.57 -42.50 -2.28
C GLN F 251 -9.47 -43.96 -1.86
N LYS F 252 -8.81 -44.79 -2.68
CA LYS F 252 -8.70 -46.21 -2.39
C LYS F 252 -7.99 -46.38 -1.05
N VAL F 253 -6.83 -45.69 -0.89
CA VAL F 253 -6.02 -45.88 0.30
C VAL F 253 -6.78 -45.46 1.56
N ILE F 254 -7.39 -44.26 1.51
CA ILE F 254 -8.11 -43.71 2.63
C ILE F 254 -9.35 -44.56 2.99
N ASP F 255 -9.97 -45.22 2.00
CA ASP F 255 -11.18 -46.00 2.28
C ASP F 255 -10.83 -47.27 3.06
N GLN F 256 -9.68 -47.84 2.71
CA GLN F 256 -9.22 -49.13 3.20
C GLN F 256 -8.48 -49.00 4.54
N PHE F 257 -7.77 -47.88 4.76
CA PHE F 257 -6.84 -47.75 5.88
C PHE F 257 -7.23 -46.62 6.85
N GLY F 258 -8.26 -45.84 6.50
CA GLY F 258 -8.74 -44.71 7.30
C GLY F 258 -9.82 -45.13 8.28
N GLU G 6 20.58 26.74 -24.38
CA GLU G 6 21.54 25.85 -23.64
C GLU G 6 22.36 26.73 -22.68
N ALA G 7 23.36 27.41 -23.27
CA ALA G 7 24.14 28.44 -22.61
C ALA G 7 23.28 29.67 -22.32
N ASP G 8 22.07 29.73 -22.92
CA ASP G 8 21.36 30.98 -23.11
C ASP G 8 20.01 30.96 -22.37
N CYS G 9 19.81 29.90 -21.58
CA CYS G 9 18.51 29.60 -20.98
C CYS G 9 18.08 30.76 -20.08
N GLY G 10 16.76 30.91 -19.94
CA GLY G 10 16.18 31.81 -18.95
C GLY G 10 16.40 33.28 -19.24
N LEU G 11 16.79 33.66 -20.47
CA LEU G 11 16.82 35.08 -20.80
C LEU G 11 15.84 35.33 -21.93
N ARG G 12 14.81 36.16 -21.67
CA ARG G 12 13.74 36.25 -22.67
C ARG G 12 14.09 37.24 -23.77
N PRO G 13 13.90 36.84 -25.04
CA PRO G 13 14.14 37.75 -26.17
C PRO G 13 13.40 39.09 -26.08
N LEU G 14 12.18 39.10 -25.51
CA LEU G 14 11.36 40.32 -25.51
C LEU G 14 11.50 41.12 -24.21
N PHE G 15 12.28 40.60 -23.23
CA PHE G 15 12.40 41.25 -21.92
C PHE G 15 13.88 41.47 -21.58
N GLU G 16 14.53 40.45 -21.00
CA GLU G 16 15.93 40.57 -20.63
C GLU G 16 16.77 40.96 -21.85
N LYS G 17 16.49 40.38 -23.01
CA LYS G 17 17.37 40.66 -24.12
C LYS G 17 17.21 42.07 -24.65
N LYS G 18 16.12 42.78 -24.28
CA LYS G 18 15.92 44.15 -24.76
C LYS G 18 15.92 45.14 -23.58
N SER G 19 16.17 44.67 -22.37
CA SER G 19 16.25 45.57 -21.23
C SER G 19 14.87 45.99 -20.75
N LEU G 20 13.84 45.19 -21.09
CA LEU G 20 12.50 45.51 -20.63
C LEU G 20 12.11 44.57 -19.49
N GLU G 21 11.41 45.10 -18.51
CA GLU G 21 10.88 44.27 -17.44
C GLU G 21 9.41 43.98 -17.72
N ASP G 22 8.94 42.82 -17.24
CA ASP G 22 7.53 42.50 -17.39
C ASP G 22 6.79 43.14 -16.22
N LYS G 23 5.46 43.05 -16.25
CA LYS G 23 4.64 43.86 -15.36
C LYS G 23 4.63 43.39 -13.90
N THR G 24 5.17 42.21 -13.58
CA THR G 24 5.10 41.75 -12.18
C THR G 24 6.39 41.13 -11.67
N GLU G 25 7.44 41.09 -12.49
CA GLU G 25 8.67 40.45 -12.04
C GLU G 25 9.24 41.15 -10.82
N ARG G 26 9.01 42.46 -10.70
CA ARG G 26 9.53 43.22 -9.58
C ARG G 26 8.98 42.69 -8.25
N GLU G 27 7.77 42.12 -8.28
CA GLU G 27 7.17 41.57 -7.09
C GLU G 27 7.86 40.26 -6.68
N LEU G 28 8.44 39.53 -7.65
CA LEU G 28 9.22 38.34 -7.35
C LEU G 28 10.49 38.79 -6.59
N LEU G 29 11.22 39.74 -7.18
CA LEU G 29 12.51 40.19 -6.66
C LEU G 29 12.31 40.86 -5.30
N GLU G 30 11.22 41.60 -5.16
CA GLU G 30 10.97 42.29 -3.91
C GLU G 30 10.79 41.27 -2.79
N SER G 31 10.27 40.08 -3.12
CA SER G 31 10.00 39.05 -2.11
C SER G 31 11.30 38.47 -1.49
N TYR G 32 12.42 38.61 -2.18
CA TYR G 32 13.75 38.14 -1.71
C TYR G 32 14.30 39.05 -0.60
N ILE G 33 14.07 40.36 -0.71
CA ILE G 33 14.56 41.40 0.24
C ILE G 33 13.46 41.90 1.18
N ASP G 34 12.23 42.04 0.70
CA ASP G 34 11.04 42.48 1.46
C ASP G 34 11.37 43.70 2.33
N ILE H 1 -5.53 28.87 -14.14
CA ILE H 1 -4.93 29.88 -13.25
C ILE H 1 -6.06 30.72 -12.67
N VAL H 2 -6.09 30.77 -11.35
CA VAL H 2 -7.16 31.44 -10.65
C VAL H 2 -6.51 32.70 -10.12
N GLU H 3 -7.19 33.85 -10.31
CA GLU H 3 -6.79 35.15 -9.81
C GLU H 3 -5.46 35.64 -10.40
N GLY H 4 -5.15 35.25 -11.63
CA GLY H 4 -3.96 35.73 -12.31
C GLY H 4 -4.33 36.86 -13.27
N SER H 5 -3.50 37.10 -14.27
CA SER H 5 -3.88 38.00 -15.34
C SER H 5 -3.31 37.48 -16.65
N ASP H 6 -3.74 38.07 -17.77
CA ASP H 6 -3.24 37.74 -19.10
C ASP H 6 -1.71 37.85 -19.06
N ALA H 7 -1.02 36.83 -19.57
CA ALA H 7 0.42 36.90 -19.79
C ALA H 7 0.67 38.11 -20.68
N GLU H 8 1.89 38.66 -20.65
CA GLU H 8 2.35 39.53 -21.71
C GLU H 8 2.97 38.66 -22.80
N ILE H 9 3.01 39.24 -24.02
CA ILE H 9 3.55 38.59 -25.19
C ILE H 9 5.03 38.28 -24.95
N GLY H 10 5.38 37.00 -25.18
CA GLY H 10 6.71 36.46 -24.98
C GLY H 10 7.18 36.48 -23.52
N MET H 11 6.24 36.58 -22.56
CA MET H 11 6.53 36.69 -21.13
C MET H 11 7.03 35.36 -20.57
N SER H 12 6.65 34.27 -21.25
CA SER H 12 6.94 32.90 -20.81
C SER H 12 7.26 32.05 -22.04
N PRO H 13 8.39 32.32 -22.72
CA PRO H 13 8.69 31.66 -24.00
C PRO H 13 9.05 30.17 -23.91
N TRP H 14 9.17 29.66 -22.69
CA TRP H 14 9.42 28.23 -22.53
C TRP H 14 8.10 27.49 -22.31
N GLN H 15 6.96 28.21 -22.24
CA GLN H 15 5.66 27.61 -21.95
C GLN H 15 5.31 26.64 -23.07
N VAL H 16 4.84 25.43 -22.72
CA VAL H 16 4.46 24.49 -23.77
C VAL H 16 3.03 24.00 -23.52
N MET H 17 2.24 23.84 -24.58
CA MET H 17 0.90 23.26 -24.45
C MET H 17 0.99 21.84 -24.97
N LEU H 18 0.80 20.87 -24.09
CA LEU H 18 0.64 19.49 -24.49
C LEU H 18 -0.80 19.32 -25.01
N PHE H 19 -0.92 18.86 -26.26
CA PHE H 19 -2.18 18.91 -27.01
C PHE H 19 -2.54 17.51 -27.50
N ARG H 20 -3.78 17.13 -27.25
CA ARG H 20 -4.27 15.82 -27.62
C ARG H 20 -4.82 15.87 -29.05
N LYS H 21 -4.52 14.88 -29.90
CA LYS H 21 -4.90 14.92 -31.32
C LYS H 21 -6.37 14.57 -31.53
N SER H 22 -6.89 13.70 -30.65
CA SER H 22 -8.28 13.27 -30.74
C SER H 22 -8.75 12.84 -29.37
N PRO H 23 -9.67 13.60 -28.73
CA PRO H 23 -10.20 14.85 -29.27
C PRO H 23 -9.13 15.95 -29.36
N GLN H 24 -9.33 16.96 -30.21
CA GLN H 24 -8.43 18.09 -30.33
C GLN H 24 -8.64 19.03 -29.15
N GLU H 25 -7.75 18.97 -28.15
CA GLU H 25 -8.00 19.42 -26.77
C GLU H 25 -6.69 19.65 -26.01
N LEU H 26 -6.58 20.78 -25.29
CA LEU H 26 -5.52 20.95 -24.31
C LEU H 26 -5.50 19.74 -23.37
N LEU H 27 -4.31 19.16 -23.14
CA LEU H 27 -4.06 18.09 -22.18
C LEU H 27 -3.48 18.70 -20.89
N CYS H 28 -2.36 19.41 -20.99
CA CYS H 28 -1.60 19.85 -19.83
C CYS H 28 -0.66 21.00 -20.22
N GLY H 29 -0.12 21.70 -19.22
CA GLY H 29 1.08 22.50 -19.47
C GLY H 29 2.35 21.64 -19.57
N ALA H 30 3.44 22.30 -19.99
CA ALA H 30 4.77 21.72 -20.07
C ALA H 30 5.76 22.84 -20.25
N SER H 31 7.05 22.52 -20.36
CA SER H 31 8.02 23.57 -20.50
C SER H 31 9.21 23.10 -21.32
N LEU H 32 9.81 24.07 -22.01
CA LEU H 32 10.90 23.79 -22.93
C LEU H 32 12.22 23.97 -22.17
N ILE H 33 13.02 22.90 -22.09
CA ILE H 33 14.25 23.01 -21.33
C ILE H 33 15.45 23.03 -22.26
N SER H 34 15.25 22.72 -23.56
CA SER H 34 16.32 22.75 -24.54
C SER H 34 15.66 22.66 -25.88
N ASP H 35 16.46 22.61 -26.96
CA ASP H 35 15.91 22.59 -28.30
C ASP H 35 15.15 21.28 -28.58
N ARG H 36 15.37 20.26 -27.77
CA ARG H 36 14.70 19.00 -28.13
C ARG H 36 14.13 18.29 -26.90
N TRP H 37 14.02 18.99 -25.78
CA TRP H 37 13.53 18.35 -24.55
C TRP H 37 12.47 19.19 -23.87
N VAL H 38 11.37 18.52 -23.49
CA VAL H 38 10.22 19.12 -22.83
C VAL H 38 9.94 18.40 -21.52
N LEU H 39 9.64 19.20 -20.50
CA LEU H 39 9.44 18.66 -19.18
C LEU H 39 7.97 18.87 -18.82
N THR H 40 7.33 17.83 -18.28
CA THR H 40 5.95 17.89 -17.83
C THR H 40 5.78 17.04 -16.55
N ALA H 41 4.51 16.95 -16.09
CA ALA H 41 4.11 16.14 -14.95
C ALA H 41 3.78 14.74 -15.45
N ALA H 42 4.20 13.71 -14.73
CA ALA H 42 3.99 12.34 -15.18
C ALA H 42 2.50 12.06 -15.31
N HIS H 43 1.68 12.62 -14.40
CA HIS H 43 0.25 12.25 -14.40
C HIS H 43 -0.46 12.82 -15.63
N CYS H 44 0.19 13.71 -16.41
CA CYS H 44 -0.36 14.21 -17.67
C CYS H 44 -0.35 13.12 -18.74
N LEU H 45 0.58 12.15 -18.62
CA LEU H 45 0.80 11.17 -19.67
C LEU H 45 0.36 9.77 -19.24
N LEU H 46 0.49 9.50 -17.93
CA LEU H 46 0.19 8.19 -17.37
C LEU H 46 -0.61 8.33 -16.06
N TYR H 47 -1.89 7.92 -16.07
CA TYR H 47 -2.66 7.87 -14.85
C TYR H 47 -3.73 6.78 -14.99
N PRO H 48 -3.33 5.49 -14.86
CA PRO H 48 -4.22 4.36 -15.15
C PRO H 48 -5.62 4.45 -14.53
N PRO H 49 -5.78 4.95 -13.27
CA PRO H 49 -7.11 5.15 -12.69
C PRO H 49 -8.11 5.87 -13.58
N TRP H 50 -7.66 6.89 -14.34
CA TRP H 50 -8.55 7.56 -15.27
C TRP H 50 -8.37 7.01 -16.69
N ASP H 51 -7.75 5.84 -16.83
CA ASP H 51 -7.47 5.32 -18.16
C ASP H 51 -6.63 6.24 -19.05
N LYS H 52 -5.66 6.96 -18.49
CA LYS H 52 -4.73 7.76 -19.29
C LYS H 52 -3.41 7.01 -19.40
N ASN H 53 -2.98 6.74 -20.64
CA ASN H 53 -1.76 6.05 -20.98
C ASN H 53 -1.39 6.40 -22.42
N PHE H 54 -1.16 7.71 -22.67
CA PHE H 54 -0.74 8.21 -23.97
C PHE H 54 0.59 7.59 -24.43
N THR H 55 0.64 7.18 -25.70
CA THR H 55 1.92 6.93 -26.32
C THR H 55 2.27 8.17 -27.14
N GLU H 56 3.47 8.13 -27.73
CA GLU H 56 4.09 9.27 -28.38
C GLU H 56 3.18 9.84 -29.45
N ASN H 57 2.47 8.95 -30.17
CA ASN H 57 1.70 9.34 -31.34
C ASN H 57 0.38 10.00 -30.99
N ASP H 58 -0.02 9.98 -29.72
CA ASP H 58 -1.38 10.44 -29.39
C ASP H 58 -1.42 11.95 -29.14
N LEU H 59 -0.25 12.60 -29.12
CA LEU H 59 -0.08 13.96 -28.60
C LEU H 59 0.85 14.76 -29.49
N LEU H 60 0.79 16.06 -29.30
CA LEU H 60 1.82 16.92 -29.83
C LEU H 60 2.10 18.06 -28.83
N VAL H 61 3.25 18.74 -29.02
CA VAL H 61 3.58 19.87 -28.18
C VAL H 61 3.54 21.12 -29.05
N ARG H 62 2.85 22.15 -28.54
CA ARG H 62 2.72 23.41 -29.25
C ARG H 62 3.42 24.48 -28.42
N ILE H 63 4.46 25.05 -29.02
CA ILE H 63 5.40 25.94 -28.37
C ILE H 63 5.22 27.37 -28.92
N GLY H 64 5.48 28.41 -28.08
CA GLY H 64 5.38 29.80 -28.53
C GLY H 64 3.94 30.32 -28.58
N LYS H 65 3.01 29.62 -27.94
CA LYS H 65 1.62 30.02 -27.98
C LYS H 65 1.30 31.14 -27.01
N HIS H 66 0.16 31.80 -27.26
CA HIS H 66 -0.33 32.81 -26.35
C HIS H 66 -1.84 32.64 -26.19
N SER H 67 -2.52 32.60 -27.33
CA SER H 67 -3.96 32.36 -27.36
C SER H 67 -4.24 30.88 -27.07
N ARG H 68 -5.26 30.59 -26.29
CA ARG H 68 -5.56 29.20 -25.93
C ARG H 68 -6.09 28.40 -27.12
N THR H 69 -6.90 29.01 -27.98
CA THR H 69 -7.59 28.29 -29.08
C THR H 69 -7.10 28.61 -30.48
N ARG H 70 -6.61 29.82 -30.72
CA ARG H 70 -6.21 30.21 -32.08
C ARG H 70 -4.94 29.48 -32.52
N TYR H 71 -4.94 28.88 -33.72
CA TYR H 71 -3.68 28.34 -34.28
C TYR H 71 -2.87 29.57 -34.64
N GLU H 72 -1.68 29.73 -34.06
CA GLU H 72 -0.95 30.99 -34.20
C GLU H 72 0.07 30.83 -35.32
N ARG H 73 -0.36 30.96 -36.57
CA ARG H 73 0.50 30.67 -37.71
C ARG H 73 1.71 31.61 -37.71
N ASN H 74 2.89 31.02 -37.86
CA ASN H 74 4.14 31.73 -38.02
C ASN H 74 4.66 32.27 -36.69
N ILE H 75 4.02 31.83 -35.58
CA ILE H 75 4.48 32.12 -34.23
C ILE H 75 4.64 30.81 -33.45
N GLU H 76 3.55 30.07 -33.27
CA GLU H 76 3.69 28.78 -32.63
C GLU H 76 4.41 27.80 -33.55
N LYS H 77 5.07 26.81 -32.95
CA LYS H 77 5.59 25.68 -33.67
C LYS H 77 4.95 24.43 -33.08
N ILE H 78 4.66 23.46 -33.92
CA ILE H 78 4.08 22.18 -33.42
C ILE H 78 5.15 21.11 -33.59
N SER H 79 5.47 20.41 -32.53
CA SER H 79 6.51 19.37 -32.55
C SER H 79 5.85 18.00 -32.30
N MET H 80 6.51 16.95 -32.77
N MET H 80 6.50 16.95 -32.78
CA MET H 80 5.99 15.56 -32.63
CA MET H 80 6.00 15.56 -32.60
C MET H 80 6.89 14.83 -31.60
C MET H 80 6.89 14.86 -31.56
N LEU H 81 6.31 13.94 -30.80
CA LEU H 81 7.09 13.22 -29.77
C LEU H 81 7.86 12.04 -30.36
N GLU H 82 9.13 11.92 -30.01
CA GLU H 82 9.94 10.75 -30.39
C GLU H 82 9.79 9.71 -29.28
N LYS H 83 9.85 10.14 -28.03
CA LYS H 83 9.85 9.26 -26.87
C LYS H 83 9.42 10.01 -25.62
N ILE H 84 8.70 9.29 -24.74
CA ILE H 84 8.24 9.72 -23.43
C ILE H 84 9.09 8.97 -22.41
N TYR H 85 9.56 9.69 -21.38
CA TYR H 85 10.19 9.06 -20.22
C TYR H 85 9.46 9.49 -18.95
N ILE H 86 9.00 8.50 -18.17
CA ILE H 86 8.34 8.79 -16.91
C ILE H 86 9.25 8.28 -15.82
N HIS H 87 9.45 9.10 -14.78
CA HIS H 87 10.21 8.65 -13.63
C HIS H 87 9.78 7.23 -13.20
N PRO H 88 10.73 6.30 -13.04
CA PRO H 88 10.39 4.91 -12.75
C PRO H 88 9.75 4.74 -11.38
N ARG H 89 9.92 5.74 -10.51
CA ARG H 89 9.38 5.69 -9.16
C ARG H 89 8.18 6.65 -8.99
N TYR H 90 7.58 7.10 -10.10
CA TYR H 90 6.32 7.86 -10.06
C TYR H 90 5.20 7.06 -9.39
N ASN H 91 4.62 7.63 -8.34
CA ASN H 91 3.61 6.93 -7.55
C ASN H 91 2.20 7.48 -7.87
N TRP H 92 1.56 6.88 -8.88
CA TRP H 92 0.17 7.18 -9.21
C TRP H 92 -0.84 6.50 -8.27
N ARG H 93 -0.45 5.44 -7.54
CA ARG H 93 -1.41 4.72 -6.71
C ARG H 93 -1.68 5.48 -5.41
N GLU H 94 -0.74 6.33 -4.99
CA GLU H 94 -0.90 7.02 -3.74
C GLU H 94 -0.98 8.54 -3.95
N ASN H 95 0.17 9.24 -4.06
CA ASN H 95 0.17 10.68 -3.80
C ASN H 95 0.88 11.46 -4.91
N LEU H 96 1.04 10.85 -6.09
CA LEU H 96 1.68 11.47 -7.24
C LEU H 96 3.13 11.83 -6.91
N ASP H 97 3.74 11.05 -6.01
CA ASP H 97 5.14 11.26 -5.69
C ASP H 97 5.93 11.13 -6.99
N ARG H 98 6.89 12.05 -7.17
CA ARG H 98 7.82 11.99 -8.28
C ARG H 98 7.05 12.20 -9.57
N ASP H 99 6.18 13.21 -9.52
CA ASP H 99 5.28 13.55 -10.60
C ASP H 99 6.06 14.26 -11.69
N ILE H 100 6.81 13.54 -12.50
CA ILE H 100 7.66 14.20 -13.47
C ILE H 100 7.84 13.28 -14.68
N ALA H 101 7.91 13.88 -15.88
CA ALA H 101 8.19 13.20 -17.13
C ALA H 101 8.90 14.15 -18.08
N LEU H 102 9.66 13.54 -18.99
CA LEU H 102 10.38 14.23 -20.05
C LEU H 102 9.88 13.73 -21.40
N MET H 103 9.85 14.65 -22.36
CA MET H 103 9.44 14.26 -23.70
C MET H 103 10.50 14.75 -24.67
N LYS H 104 10.95 13.82 -25.52
CA LYS H 104 12.02 14.11 -26.46
C LYS H 104 11.40 14.33 -27.81
N LEU H 105 11.65 15.51 -28.39
CA LEU H 105 11.02 15.84 -29.65
C LEU H 105 11.74 15.14 -30.79
N LYS H 106 11.06 15.09 -31.93
CA LYS H 106 11.51 14.34 -33.08
C LYS H 106 12.59 15.16 -33.78
N LYS H 107 12.27 16.42 -34.04
CA LYS H 107 13.24 17.38 -34.57
C LYS H 107 13.48 18.44 -33.52
N PRO H 108 14.71 19.02 -33.45
CA PRO H 108 14.96 20.27 -32.72
C PRO H 108 14.02 21.42 -33.09
N VAL H 109 13.61 22.23 -32.10
CA VAL H 109 12.76 23.37 -32.43
C VAL H 109 13.63 24.63 -32.62
N ALA H 110 13.22 25.50 -33.53
CA ALA H 110 13.99 26.71 -33.75
C ALA H 110 13.56 27.73 -32.70
N PHE H 111 14.53 28.39 -32.03
CA PHE H 111 14.21 29.40 -31.03
C PHE H 111 13.78 30.70 -31.71
N SER H 112 12.96 31.50 -31.04
CA SER H 112 12.50 32.75 -31.61
C SER H 112 12.21 33.71 -30.48
N ASP H 113 11.59 34.84 -30.77
CA ASP H 113 11.21 35.78 -29.72
C ASP H 113 10.13 35.18 -28.79
N TYR H 114 9.44 34.13 -29.26
CA TYR H 114 8.28 33.59 -28.55
C TYR H 114 8.60 32.18 -28.04
N ILE H 115 9.79 31.68 -28.40
CA ILE H 115 10.21 30.31 -28.11
C ILE H 115 11.66 30.32 -27.62
N HIS H 116 11.84 29.97 -26.34
CA HIS H 116 13.14 30.01 -25.70
C HIS H 116 13.12 29.10 -24.48
N PRO H 117 14.23 28.37 -24.16
CA PRO H 117 14.28 27.52 -22.97
C PRO H 117 14.49 28.21 -21.62
N VAL H 118 13.86 27.69 -20.57
CA VAL H 118 14.07 28.07 -19.18
C VAL H 118 15.28 27.29 -18.66
N CYS H 119 15.92 27.81 -17.60
CA CYS H 119 17.05 27.11 -16.98
C CYS H 119 16.54 26.18 -15.89
N LEU H 120 17.29 25.08 -15.67
CA LEU H 120 17.05 24.24 -14.50
C LEU H 120 17.98 24.67 -13.37
N PRO H 121 17.57 24.63 -12.09
CA PRO H 121 18.44 25.08 -11.01
C PRO H 121 19.58 24.09 -10.75
N ASP H 122 20.72 24.62 -10.29
CA ASP H 122 21.80 23.84 -9.71
C ASP H 122 21.64 23.99 -8.19
N ARG H 123 22.47 23.28 -7.41
CA ARG H 123 22.30 23.24 -5.95
C ARG H 123 22.24 24.64 -5.35
N GLU H 124 23.19 25.52 -5.72
CA GLU H 124 23.35 26.85 -5.13
C GLU H 124 22.10 27.71 -5.37
N THR H 125 21.56 27.69 -6.60
CA THR H 125 20.36 28.45 -6.94
C THR H 125 19.18 27.92 -6.12
N ALA H 126 19.05 26.59 -6.07
CA ALA H 126 18.01 25.98 -5.26
C ALA H 126 18.16 26.44 -3.81
N ALA H 127 19.41 26.41 -3.33
CA ALA H 127 19.68 26.76 -1.95
C ALA H 127 19.24 28.20 -1.69
N SER H 128 19.53 29.10 -2.64
CA SER H 128 19.23 30.52 -2.49
C SER H 128 17.74 30.82 -2.61
N LEU H 129 17.06 30.15 -3.55
CA LEU H 129 15.74 30.60 -3.98
C LEU H 129 14.58 29.91 -3.22
N LEU H 130 14.77 28.66 -2.77
CA LEU H 130 13.68 27.90 -2.18
C LEU H 130 13.53 28.20 -0.69
N GLN H 131 12.81 29.29 -0.43
CA GLN H 131 12.60 29.73 0.93
C GLN H 131 11.18 30.24 1.02
N ALA H 132 10.55 29.99 2.16
CA ALA H 132 9.20 30.43 2.44
C ALA H 132 9.14 31.95 2.32
N GLY H 133 8.02 32.49 1.82
CA GLY H 133 7.89 33.92 1.62
C GLY H 133 8.40 34.40 0.27
N TYR H 134 9.35 33.66 -0.34
CA TYR H 134 9.88 33.97 -1.67
C TYR H 134 8.82 33.57 -2.71
N LYS H 135 8.64 34.42 -3.74
CA LYS H 135 7.58 34.18 -4.72
C LYS H 135 8.13 33.52 -5.99
N GLY H 136 7.38 32.55 -6.53
CA GLY H 136 7.57 32.08 -7.90
C GLY H 136 6.36 32.43 -8.78
N ARG H 137 6.44 32.02 -10.05
CA ARG H 137 5.45 32.37 -11.04
C ARG H 137 5.00 31.06 -11.68
N VAL H 138 3.67 30.92 -11.78
CA VAL H 138 3.01 29.82 -12.48
C VAL H 138 2.23 30.38 -13.66
N THR H 139 2.26 29.63 -14.77
CA THR H 139 1.61 29.99 -16.02
C THR H 139 0.82 28.80 -16.56
N GLY H 140 -0.33 29.10 -17.15
CA GLY H 140 -1.10 28.04 -17.75
C GLY H 140 -2.35 28.55 -18.47
N TRP H 141 -2.93 27.65 -19.27
CA TRP H 141 -4.24 27.87 -19.88
C TRP H 141 -5.34 27.11 -19.16
N GLY H 142 -5.18 26.82 -17.85
CA GLY H 142 -6.16 26.06 -17.09
C GLY H 142 -7.32 26.93 -16.60
N ASN H 143 -8.22 26.31 -15.84
CA ASN H 143 -9.49 26.93 -15.46
C ASN H 143 -9.23 28.20 -14.66
N LEU H 144 -10.10 29.17 -14.85
CA LEU H 144 -10.04 30.44 -14.15
C LEU H 144 -10.62 30.30 -12.74
N LYS H 145 -11.39 29.23 -12.53
CA LYS H 145 -11.99 28.98 -11.24
C LYS H 145 -12.13 27.48 -11.06
N GLU H 146 -12.32 27.06 -9.81
CA GLU H 146 -12.61 25.68 -9.54
C GLU H 146 -13.95 25.29 -10.14
N THR H 147 -15.01 26.04 -9.84
CA THR H 147 -16.35 25.63 -10.23
C THR H 147 -16.88 26.55 -11.33
N GLY H 155 -14.96 27.88 -18.47
CA GLY H 155 -14.19 28.77 -17.58
C GLY H 155 -12.70 28.75 -17.91
N GLN H 156 -12.37 28.58 -19.19
CA GLN H 156 -10.99 28.54 -19.63
C GLN H 156 -10.64 29.93 -20.17
N PRO H 157 -9.39 30.41 -20.00
CA PRO H 157 -9.05 31.76 -20.45
C PRO H 157 -8.86 31.77 -21.96
N SER H 158 -8.99 32.96 -22.58
CA SER H 158 -8.65 33.08 -24.00
C SER H 158 -7.14 33.15 -24.23
N VAL H 159 -6.37 33.64 -23.25
CA VAL H 159 -4.92 33.68 -23.46
C VAL H 159 -4.23 33.16 -22.20
N LEU H 160 -2.91 32.91 -22.30
CA LEU H 160 -2.07 32.44 -21.23
C LEU H 160 -2.26 33.29 -19.97
N GLN H 161 -2.47 32.62 -18.81
CA GLN H 161 -2.54 33.31 -17.54
C GLN H 161 -1.23 33.19 -16.76
N VAL H 162 -0.96 34.20 -15.92
CA VAL H 162 0.22 34.20 -15.07
C VAL H 162 -0.16 34.65 -13.66
N VAL H 163 0.45 34.02 -12.64
CA VAL H 163 0.23 34.40 -11.25
C VAL H 163 1.51 34.19 -10.44
N ASN H 164 1.77 35.10 -9.50
CA ASN H 164 2.92 35.04 -8.61
C ASN H 164 2.47 34.52 -7.25
N LEU H 165 3.19 33.55 -6.69
CA LEU H 165 2.72 32.93 -5.45
C LEU H 165 3.92 32.67 -4.57
N PRO H 166 3.80 32.81 -3.22
CA PRO H 166 4.92 32.55 -2.32
C PRO H 166 5.06 31.08 -1.98
N ILE H 167 6.30 30.59 -1.93
CA ILE H 167 6.59 29.26 -1.40
C ILE H 167 6.14 29.25 0.07
N VAL H 168 5.58 28.11 0.52
CA VAL H 168 5.06 27.99 1.87
C VAL H 168 5.97 27.01 2.64
N GLU H 169 6.07 27.19 3.97
CA GLU H 169 6.91 26.37 4.83
C GLU H 169 6.34 24.96 4.87
N ARG H 170 7.23 23.96 4.76
N ARG H 170 7.23 23.96 4.76
CA ARG H 170 6.86 22.57 4.69
CA ARG H 170 6.85 22.56 4.68
C ARG H 170 5.78 22.18 5.70
C ARG H 170 5.78 22.18 5.70
N PRO H 171 5.95 22.45 7.02
CA PRO H 171 4.92 22.08 8.01
C PRO H 171 3.52 22.62 7.77
N VAL H 172 3.40 23.88 7.31
CA VAL H 172 2.11 24.41 6.87
C VAL H 172 1.58 23.61 5.67
N CYS H 173 2.44 23.28 4.68
CA CYS H 173 2.03 22.41 3.57
C CYS H 173 1.50 21.07 4.07
N LYS H 174 2.17 20.44 5.05
CA LYS H 174 1.75 19.13 5.54
C LYS H 174 0.42 19.18 6.29
N ASP H 175 0.19 20.25 7.04
CA ASP H 175 -0.98 20.37 7.89
C ASP H 175 -2.22 20.75 7.09
N SER H 176 -2.02 21.33 5.90
CA SER H 176 -3.10 21.75 5.03
C SER H 176 -3.79 20.58 4.32
N THR H 177 -3.26 19.36 4.41
CA THR H 177 -3.82 18.26 3.62
C THR H 177 -3.66 16.96 4.38
N ARG H 178 -4.59 16.04 4.16
CA ARG H 178 -4.48 14.70 4.73
C ARG H 178 -3.50 13.85 3.95
N ILE H 179 -3.11 14.34 2.76
CA ILE H 179 -2.28 13.57 1.84
C ILE H 179 -0.81 13.62 2.29
N ARG H 180 -0.12 12.48 2.24
CA ARG H 180 1.33 12.42 2.53
C ARG H 180 2.15 13.20 1.51
N ILE H 181 2.85 14.25 1.96
N ILE H 181 2.86 14.22 1.99
CA ILE H 181 3.68 15.02 1.01
CA ILE H 181 3.72 15.09 1.13
C ILE H 181 5.16 14.64 1.25
C ILE H 181 5.16 14.57 1.28
N THR H 182 5.91 14.51 0.18
CA THR H 182 7.30 14.05 0.22
C THR H 182 8.31 15.16 -0.04
N ASP H 183 9.58 14.75 -0.02
CA ASP H 183 10.72 15.62 -0.23
C ASP H 183 10.74 16.12 -1.65
N ASN H 184 10.05 15.36 -2.54
CA ASN H 184 9.97 15.60 -3.97
C ASN H 184 8.86 16.59 -4.36
N MET H 185 8.27 17.26 -3.37
CA MET H 185 7.14 18.15 -3.61
C MET H 185 7.43 19.37 -2.76
N PHE H 186 6.90 20.55 -3.12
CA PHE H 186 6.78 21.68 -2.23
C PHE H 186 5.43 22.34 -2.49
N CYS H 187 5.04 23.30 -1.66
CA CYS H 187 3.75 23.92 -1.91
C CYS H 187 3.85 25.44 -1.93
N ALA H 188 2.82 26.07 -2.49
CA ALA H 188 2.90 27.50 -2.70
C ALA H 188 1.52 28.13 -2.70
N GLY H 189 1.45 29.42 -2.31
CA GLY H 189 0.17 30.06 -2.24
C GLY H 189 -0.01 30.80 -0.93
N TYR H 190 -0.90 31.79 -0.95
CA TYR H 190 -1.06 32.73 0.14
C TYR H 190 -1.81 32.05 1.27
N LYS H 191 -1.43 32.37 2.52
CA LYS H 191 -2.18 31.95 3.69
C LYS H 191 -3.51 32.72 3.71
N PRO H 192 -4.57 32.19 4.33
CA PRO H 192 -5.85 32.90 4.42
C PRO H 192 -5.70 34.35 4.89
N ASP H 193 -4.75 34.60 5.79
CA ASP H 193 -4.67 35.88 6.47
C ASP H 193 -4.04 36.95 5.57
N GLU H 194 -3.54 36.53 4.40
CA GLU H 194 -2.52 37.29 3.70
C GLU H 194 -3.14 38.26 2.70
N GLY H 195 -4.45 38.17 2.51
CA GLY H 195 -5.14 39.26 1.83
C GLY H 195 -5.09 39.22 0.30
N LYS H 196 -4.16 38.44 -0.28
CA LYS H 196 -4.10 38.15 -1.71
C LYS H 196 -4.45 36.68 -1.97
N ARG H 197 -4.60 36.30 -3.23
CA ARG H 197 -4.87 34.89 -3.49
C ARG H 197 -4.34 34.45 -4.85
N GLY H 198 -4.77 33.27 -5.28
CA GLY H 198 -4.28 32.80 -6.56
C GLY H 198 -3.79 31.36 -6.43
N ASP H 199 -3.78 30.66 -7.57
CA ASP H 199 -3.46 29.24 -7.59
C ASP H 199 -3.49 28.82 -9.05
N ALA H 200 -2.90 27.69 -9.35
CA ALA H 200 -3.17 26.93 -10.54
C ALA H 200 -4.48 26.16 -10.37
N CYS H 201 -4.96 25.58 -11.47
CA CYS H 201 -6.23 24.88 -11.44
C CYS H 201 -6.16 23.79 -12.51
N GLU H 202 -7.31 23.16 -12.80
CA GLU H 202 -7.35 22.05 -13.74
C GLU H 202 -6.97 22.53 -15.13
N GLY H 203 -6.07 21.80 -15.80
CA GLY H 203 -5.51 22.25 -17.08
C GLY H 203 -4.12 22.90 -16.96
N ASP H 204 -3.73 23.37 -15.75
CA ASP H 204 -2.39 23.95 -15.55
C ASP H 204 -1.30 22.91 -15.21
N SER H 205 -1.70 21.70 -14.81
CA SER H 205 -0.81 20.58 -14.51
C SER H 205 0.22 20.44 -15.60
N GLY H 206 1.46 20.10 -15.21
CA GLY H 206 2.52 19.91 -16.18
C GLY H 206 3.36 21.18 -16.36
N GLY H 207 2.73 22.35 -16.18
CA GLY H 207 3.34 23.63 -16.42
C GLY H 207 4.35 24.02 -15.35
N PRO H 208 5.12 25.10 -15.61
CA PRO H 208 6.29 25.44 -14.79
C PRO H 208 5.98 26.46 -13.70
N PHE H 209 6.63 26.26 -12.55
CA PHE H 209 6.76 27.22 -11.47
C PHE H 209 8.16 27.81 -11.59
N VAL H 210 8.27 29.08 -11.99
CA VAL H 210 9.58 29.63 -12.29
C VAL H 210 9.96 30.70 -11.26
N MET H 211 11.28 30.97 -11.14
CA MET H 211 11.81 32.09 -10.35
C MET H 211 12.93 32.81 -11.11
N LYS H 212 12.98 34.15 -10.94
CA LYS H 212 14.03 34.97 -11.53
C LYS H 212 15.17 35.07 -10.53
N SER H 213 16.39 34.73 -10.95
CA SER H 213 17.55 34.76 -10.05
C SER H 213 18.08 36.18 -9.90
N PRO H 214 18.25 36.74 -8.68
CA PRO H 214 18.75 38.12 -8.58
C PRO H 214 20.24 38.18 -8.92
N PHE H 215 20.88 37.02 -9.06
CA PHE H 215 22.33 36.92 -9.20
C PHE H 215 22.74 37.01 -10.66
N ASN H 216 22.06 36.26 -11.55
CA ASN H 216 22.42 36.30 -12.97
C ASN H 216 21.23 36.78 -13.83
N ASN H 217 20.08 37.11 -13.21
CA ASN H 217 18.95 37.67 -13.93
C ASN H 217 18.29 36.63 -14.85
N ARG H 218 18.54 35.34 -14.63
CA ARG H 218 17.94 34.30 -15.46
C ARG H 218 16.76 33.66 -14.72
N TRP H 219 15.85 33.07 -15.51
CA TRP H 219 14.69 32.35 -14.99
C TRP H 219 15.00 30.87 -14.83
N TYR H 220 14.58 30.32 -13.68
CA TYR H 220 14.79 28.95 -13.27
C TYR H 220 13.45 28.29 -12.97
N GLN H 221 13.23 27.12 -13.60
CA GLN H 221 12.05 26.37 -13.22
C GLN H 221 12.37 25.60 -11.96
N MET H 222 11.76 25.99 -10.84
CA MET H 222 11.91 25.32 -9.56
C MET H 222 10.82 24.26 -9.38
N GLY H 223 9.67 24.40 -10.07
CA GLY H 223 8.61 23.44 -9.84
C GLY H 223 7.83 23.07 -11.12
N ILE H 224 7.07 21.98 -11.02
CA ILE H 224 6.10 21.59 -12.03
C ILE H 224 4.74 21.57 -11.37
N VAL H 225 3.69 22.14 -12.02
CA VAL H 225 2.36 22.12 -11.44
C VAL H 225 1.93 20.66 -11.32
N SER H 226 1.64 20.23 -10.06
CA SER H 226 1.28 18.83 -9.82
C SER H 226 -0.20 18.67 -9.42
N TRP H 227 -0.63 19.16 -8.24
CA TRP H 227 -2.01 18.95 -7.82
C TRP H 227 -2.35 19.92 -6.69
N GLY H 228 -3.64 20.13 -6.43
CA GLY H 228 -4.05 20.75 -5.18
C GLY H 228 -5.46 20.33 -4.79
N GLU H 229 -5.83 20.60 -3.56
CA GLU H 229 -7.18 20.26 -3.12
C GLU H 229 -8.12 21.32 -3.65
N GLY H 230 -8.61 21.08 -4.86
CA GLY H 230 -9.35 22.04 -5.64
C GLY H 230 -8.39 23.10 -6.16
N CYS H 231 -8.84 24.37 -6.14
CA CYS H 231 -8.05 25.49 -6.62
C CYS H 231 -8.40 26.71 -5.79
N ASP H 232 -7.37 27.39 -5.29
CA ASP H 232 -7.54 28.65 -4.59
C ASP H 232 -8.50 28.52 -3.40
N ARG H 233 -8.53 27.33 -2.74
CA ARG H 233 -9.25 27.25 -1.46
C ARG H 233 -8.41 27.91 -0.36
N ASP H 234 -9.10 28.62 0.54
CA ASP H 234 -8.52 29.12 1.77
C ASP H 234 -7.99 27.95 2.60
N GLY H 235 -6.78 28.12 3.12
CA GLY H 235 -6.12 27.11 3.93
C GLY H 235 -5.66 25.89 3.13
N LYS H 236 -5.61 26.00 1.79
CA LYS H 236 -5.10 24.94 0.94
C LYS H 236 -3.95 25.48 0.10
N TYR H 237 -3.11 24.58 -0.41
CA TYR H 237 -2.00 25.07 -1.20
C TYR H 237 -1.88 24.28 -2.51
N GLY H 238 -1.19 24.90 -3.50
CA GLY H 238 -0.74 24.24 -4.71
C GLY H 238 0.47 23.39 -4.36
N PHE H 239 0.51 22.14 -4.87
CA PHE H 239 1.66 21.28 -4.74
C PHE H 239 2.38 21.11 -6.06
N TYR H 240 3.71 21.22 -5.99
CA TYR H 240 4.61 21.31 -7.13
C TYR H 240 5.70 20.24 -6.99
N THR H 241 5.99 19.55 -8.08
CA THR H 241 7.12 18.67 -8.08
C THR H 241 8.38 19.52 -7.87
N HIS H 242 9.22 19.10 -6.92
CA HIS H 242 10.47 19.78 -6.60
C HIS H 242 11.54 19.43 -7.66
N VAL H 243 11.70 20.27 -8.69
CA VAL H 243 12.54 19.95 -9.84
C VAL H 243 13.99 19.63 -9.41
N PHE H 244 14.54 20.50 -8.55
CA PHE H 244 15.91 20.31 -8.08
C PHE H 244 16.12 18.91 -7.48
N ARG H 245 15.22 18.49 -6.61
CA ARG H 245 15.34 17.19 -5.97
C ARG H 245 15.40 16.09 -7.02
N LEU H 246 14.82 16.30 -8.21
CA LEU H 246 14.76 15.19 -9.14
C LEU H 246 15.70 15.41 -10.32
N LYS H 247 16.63 16.37 -10.18
CA LYS H 247 17.46 16.79 -11.29
C LYS H 247 18.41 15.67 -11.72
N LYS H 248 18.82 14.83 -10.77
CA LYS H 248 19.69 13.72 -11.13
C LYS H 248 18.98 12.80 -12.13
N TRP H 249 17.69 12.56 -11.94
CA TRP H 249 16.91 11.75 -12.88
C TRP H 249 16.78 12.43 -14.24
N ILE H 250 16.46 13.74 -14.23
CA ILE H 250 16.31 14.48 -15.47
C ILE H 250 17.61 14.29 -16.26
N GLN H 251 18.73 14.58 -15.57
CA GLN H 251 20.08 14.58 -16.13
C GLN H 251 20.41 13.19 -16.67
N LYS H 252 20.10 12.14 -15.89
CA LYS H 252 20.28 10.76 -16.36
C LYS H 252 19.68 10.56 -17.75
N VAL H 253 18.40 10.99 -17.94
CA VAL H 253 17.68 10.60 -19.14
C VAL H 253 18.26 11.41 -20.29
N ILE H 254 18.59 12.69 -20.01
CA ILE H 254 19.14 13.53 -21.07
C ILE H 254 20.54 13.04 -21.46
N ASP H 255 21.35 12.67 -20.45
CA ASP H 255 22.69 12.13 -20.64
C ASP H 255 22.69 10.78 -21.36
N GLN H 256 21.60 10.02 -21.23
CA GLN H 256 21.55 8.66 -21.75
C GLN H 256 20.88 8.63 -23.12
N PHE H 257 20.03 9.63 -23.37
CA PHE H 257 19.06 9.54 -24.44
C PHE H 257 19.13 10.75 -25.37
N GLY H 258 20.13 11.63 -25.19
CA GLY H 258 20.38 12.74 -26.10
C GLY H 258 21.27 12.31 -27.26
#